data_7ETA
#
_entry.id   7ETA
#
_cell.length_a   147.359
_cell.length_b   90.323
_cell.length_c   86.440
_cell.angle_alpha   90.000
_cell.angle_beta   122.090
_cell.angle_gamma   90.000
#
_symmetry.space_group_name_H-M   'C 1 2 1'
#
loop_
_entity.id
_entity.type
_entity.pdbx_description
1 polymer '4-hydroxy-2-oxoheptanedioate aldolase'
2 non-polymer 'PYRUVIC ACID'
3 non-polymer 'COBALT (II) ION'
4 non-polymer 'CALCIUM ION'
5 water water
#
_entity_poly.entity_id   1
_entity_poly.type   'polypeptide(L)'
_entity_poly.pdbx_seq_one_letter_code
;MVNTVNYFKQKLKTEQQIGMWVGLADGYCAEIAANVGYDWLLIDGEHAPNDVRSILAQLQSIAAYPSQAVVRPVSGDVPL
IKQLLDIGAQTLLIPMVESAEQAELMVKATRYPPEGIRGVGAALARASRWNNISDYLQTADEQICLLVQVESKKGLDNLD
EILNVDGVDGIFIGPADLSAALGYRGNPGHEFVQNIIVQTIQKIRAAGKAAGILSADEKLAKQYLELGTEFVAVGVDTSL
LMKSMKQLLSKFKNVDGPVSTSPSVY
;
_entity_poly.pdbx_strand_id   A,B,C
#
loop_
_chem_comp.id
_chem_comp.type
_chem_comp.name
_chem_comp.formula
CA non-polymer 'CALCIUM ION' 'Ca 2'
CO non-polymer 'COBALT (II) ION' 'Co 2'
PYR non-polymer 'PYRUVIC ACID' 'C3 H4 O3'
#
# COMPACT_ATOMS: atom_id res chain seq x y z
N MET A 1 -29.50 11.65 -8.66
CA MET A 1 -28.69 12.33 -7.62
C MET A 1 -27.65 13.23 -8.31
N VAL A 2 -27.45 14.44 -7.80
CA VAL A 2 -26.38 15.38 -8.27
C VAL A 2 -25.10 15.08 -7.48
N ASN A 3 -23.93 15.27 -8.11
CA ASN A 3 -22.60 15.11 -7.47
C ASN A 3 -22.57 15.96 -6.19
N THR A 4 -21.96 15.43 -5.13
CA THR A 4 -21.78 16.13 -3.83
C THR A 4 -20.98 17.44 -4.06
N VAL A 5 -21.54 18.59 -3.70
CA VAL A 5 -20.84 19.87 -3.94
C VAL A 5 -19.67 19.94 -2.95
N ASN A 6 -18.50 20.31 -3.45
CA ASN A 6 -17.31 20.48 -2.57
C ASN A 6 -17.33 21.92 -2.04
N TYR A 7 -17.95 22.10 -0.88
CA TYR A 7 -18.11 23.40 -0.20
C TYR A 7 -16.74 23.85 0.28
N PHE A 8 -15.87 22.92 0.70
CA PHE A 8 -14.50 23.29 1.14
C PHE A 8 -13.84 24.06 0.01
N LYS A 9 -13.90 23.50 -1.19
CA LYS A 9 -13.25 24.09 -2.39
C LYS A 9 -13.82 25.49 -2.66
N GLN A 10 -15.13 25.64 -2.63
CA GLN A 10 -15.76 26.96 -2.89
C GLN A 10 -15.31 27.95 -1.82
N LYS A 11 -15.31 27.55 -0.56
CA LYS A 11 -15.04 28.43 0.59
C LYS A 11 -13.58 28.86 0.64
N LEU A 12 -12.69 28.22 -0.13
CA LEU A 12 -11.28 28.68 -0.24
C LEU A 12 -11.25 30.14 -0.73
N LYS A 13 -12.29 30.59 -1.45
CA LYS A 13 -12.34 31.93 -2.07
C LYS A 13 -13.25 32.88 -1.28
N THR A 14 -13.98 32.42 -0.25
CA THR A 14 -15.02 33.26 0.39
C THR A 14 -14.86 33.36 1.91
N GLU A 15 -14.13 32.47 2.59
CA GLU A 15 -14.04 32.56 4.06
C GLU A 15 -12.77 31.85 4.54
N GLN A 16 -12.55 31.90 5.84
CA GLN A 16 -11.44 31.21 6.52
C GLN A 16 -12.01 29.98 7.20
N GLN A 17 -11.54 28.79 6.85
CA GLN A 17 -12.15 27.51 7.33
C GLN A 17 -11.28 26.92 8.44
N ILE A 18 -11.91 26.59 9.56
CA ILE A 18 -11.26 26.08 10.79
C ILE A 18 -11.31 24.54 10.76
N GLY A 19 -10.16 23.91 10.96
CA GLY A 19 -9.99 22.46 10.78
C GLY A 19 -9.59 21.73 12.03
N MET A 20 -9.94 20.45 12.07
CA MET A 20 -9.51 19.50 13.12
C MET A 20 -8.80 18.33 12.42
N TRP A 21 -7.62 17.97 12.92
CA TRP A 21 -6.87 16.80 12.41
C TRP A 21 -7.50 15.53 13.00
N VAL A 22 -7.77 14.53 12.17
CA VAL A 22 -8.42 13.28 12.64
C VAL A 22 -7.44 12.13 12.44
N GLY A 23 -6.75 11.74 13.51
CA GLY A 23 -5.78 10.64 13.47
C GLY A 23 -6.15 9.50 14.38
N LEU A 24 -7.36 9.44 14.91
CA LEU A 24 -7.76 8.29 15.76
C LEU A 24 -8.12 7.07 14.89
N ALA A 25 -8.20 7.21 13.57
CA ALA A 25 -8.10 6.10 12.58
C ALA A 25 -9.29 5.16 12.73
N ASP A 26 -10.48 5.72 12.97
CA ASP A 26 -11.64 4.88 13.36
C ASP A 26 -12.94 5.60 12.98
N GLY A 27 -13.90 4.89 12.40
CA GLY A 27 -15.20 5.51 12.03
C GLY A 27 -15.93 6.11 13.22
N TYR A 28 -15.87 5.49 14.38
CA TYR A 28 -16.58 5.94 15.60
C TYR A 28 -16.00 7.27 16.08
N CYS A 29 -14.67 7.33 16.22
CA CYS A 29 -13.96 8.58 16.62
C CYS A 29 -14.16 9.71 15.60
N ALA A 30 -14.15 9.40 14.29
CA ALA A 30 -14.35 10.41 13.25
C ALA A 30 -15.77 11.01 13.41
N GLU A 31 -16.76 10.18 13.73
CA GLU A 31 -18.14 10.70 13.92
C GLU A 31 -18.16 11.66 15.12
N ILE A 32 -17.46 11.35 16.19
CA ILE A 32 -17.45 12.25 17.37
C ILE A 32 -16.93 13.60 16.88
N ALA A 33 -15.84 13.61 16.14
CA ALA A 33 -15.25 14.88 15.65
C ALA A 33 -16.24 15.60 14.74
N ALA A 34 -16.96 14.85 13.92
CA ALA A 34 -17.92 15.41 12.93
C ALA A 34 -19.07 16.16 13.61
N ASN A 35 -19.41 15.83 14.86
CA ASN A 35 -20.52 16.47 15.62
C ASN A 35 -20.12 17.85 16.13
N VAL A 36 -18.83 18.22 16.13
CA VAL A 36 -18.37 19.43 16.86
C VAL A 36 -18.72 20.68 16.05
N GLY A 37 -18.57 20.69 14.72
CA GLY A 37 -18.86 21.86 13.87
C GLY A 37 -17.63 22.46 13.19
N TYR A 38 -16.50 21.75 13.13
CA TYR A 38 -15.34 22.19 12.33
C TYR A 38 -15.77 22.37 10.88
N ASP A 39 -15.17 23.34 10.20
CA ASP A 39 -15.38 23.56 8.75
C ASP A 39 -14.82 22.37 7.97
N TRP A 40 -13.71 21.80 8.45
CA TRP A 40 -13.08 20.67 7.73
C TRP A 40 -12.44 19.72 8.73
N LEU A 41 -12.39 18.47 8.33
CA LEU A 41 -11.75 17.40 9.12
C LEU A 41 -10.69 16.77 8.22
N LEU A 42 -9.46 16.64 8.70
CA LEU A 42 -8.34 16.04 7.93
C LEU A 42 -8.18 14.59 8.39
N ILE A 43 -8.57 13.64 7.54
CA ILE A 43 -8.39 12.19 7.79
C ILE A 43 -6.97 11.87 7.35
N ASP A 44 -6.11 11.55 8.32
CA ASP A 44 -4.67 11.50 8.06
C ASP A 44 -4.23 10.07 7.69
N GLY A 45 -3.95 9.84 6.40
CA GLY A 45 -3.42 8.58 5.89
C GLY A 45 -1.91 8.58 5.83
N GLU A 46 -1.25 9.66 6.31
CA GLU A 46 0.24 9.74 6.33
C GLU A 46 0.79 9.42 7.72
N HIS A 47 0.23 9.96 8.79
CA HIS A 47 0.84 9.92 10.15
C HIS A 47 -0.10 9.25 11.15
N ALA A 48 -1.26 8.76 10.72
CA ALA A 48 -2.14 7.90 11.55
C ALA A 48 -2.32 6.56 10.86
N PRO A 49 -2.61 5.48 11.62
CA PRO A 49 -2.58 4.13 11.05
C PRO A 49 -3.87 3.84 10.28
N ASN A 50 -3.97 4.45 9.10
CA ASN A 50 -5.14 4.40 8.22
C ASN A 50 -4.77 3.66 6.94
N ASP A 51 -5.76 3.07 6.30
CA ASP A 51 -5.63 2.52 4.93
C ASP A 51 -6.90 2.89 4.17
N VAL A 52 -7.00 2.51 2.90
CA VAL A 52 -8.19 2.88 2.08
C VAL A 52 -9.45 2.46 2.85
N ARG A 53 -9.48 1.25 3.39
CA ARG A 53 -10.73 0.75 4.03
C ARG A 53 -11.06 1.54 5.30
N SER A 54 -10.09 1.88 6.14
CA SER A 54 -10.42 2.65 7.37
C SER A 54 -10.79 4.09 6.99
N ILE A 55 -10.22 4.64 5.92
CA ILE A 55 -10.56 6.01 5.46
C ILE A 55 -11.98 6.02 4.94
N LEU A 56 -12.38 5.00 4.18
CA LEU A 56 -13.78 4.81 3.73
C LEU A 56 -14.75 4.84 4.93
N ALA A 57 -14.49 4.05 5.96
CA ALA A 57 -15.36 4.02 7.17
C ALA A 57 -15.52 5.45 7.72
N GLN A 58 -14.43 6.21 7.75
CA GLN A 58 -14.46 7.57 8.33
C GLN A 58 -15.25 8.51 7.41
N LEU A 59 -15.06 8.43 6.08
CA LEU A 59 -15.88 9.24 5.12
C LEU A 59 -17.36 8.93 5.33
N GLN A 60 -17.70 7.66 5.56
CA GLN A 60 -19.12 7.25 5.72
C GLN A 60 -19.71 7.84 7.01
N SER A 61 -18.92 7.87 8.09
CA SER A 61 -19.32 8.41 9.41
C SER A 61 -19.59 9.91 9.29
N ILE A 62 -18.64 10.62 8.69
CA ILE A 62 -18.59 12.11 8.59
C ILE A 62 -19.67 12.61 7.60
N ALA A 63 -20.10 11.79 6.65
CA ALA A 63 -20.89 12.19 5.48
C ALA A 63 -22.25 12.74 5.95
N ALA A 64 -22.73 12.37 7.12
CA ALA A 64 -24.06 12.79 7.63
C ALA A 64 -23.98 14.20 8.22
N TYR A 65 -22.80 14.81 8.24
CA TYR A 65 -22.54 16.05 9.00
C TYR A 65 -22.01 17.10 8.03
N PRO A 66 -22.18 18.39 8.34
CA PRO A 66 -21.75 19.45 7.42
C PRO A 66 -20.22 19.58 7.29
N SER A 67 -19.43 19.13 8.26
CA SER A 67 -17.94 19.19 8.21
C SER A 67 -17.47 18.58 6.89
N GLN A 68 -16.59 19.26 6.18
CA GLN A 68 -16.05 18.78 4.89
C GLN A 68 -14.83 17.89 5.16
N ALA A 69 -14.76 16.74 4.51
CA ALA A 69 -13.62 15.82 4.66
C ALA A 69 -12.52 16.17 3.66
N VAL A 70 -11.30 16.18 4.18
CA VAL A 70 -10.04 16.28 3.40
C VAL A 70 -9.21 15.06 3.77
N VAL A 71 -8.64 14.40 2.79
CA VAL A 71 -7.84 13.17 3.06
C VAL A 71 -6.39 13.44 2.69
N ARG A 72 -5.47 13.03 3.56
CA ARG A 72 -4.03 13.10 3.27
C ARG A 72 -3.53 11.70 2.99
N PRO A 73 -3.13 11.38 1.75
CA PRO A 73 -2.50 10.09 1.49
C PRO A 73 -1.06 10.07 2.05
N VAL A 74 -0.51 8.87 2.19
CA VAL A 74 0.84 8.68 2.77
C VAL A 74 1.92 9.37 1.92
N SER A 75 1.70 9.48 0.61
CA SER A 75 2.59 10.19 -0.33
C SER A 75 1.82 10.52 -1.59
N GLY A 76 2.45 11.25 -2.51
CA GLY A 76 1.83 11.60 -3.81
C GLY A 76 1.89 10.43 -4.77
N ASP A 77 1.29 9.31 -4.40
CA ASP A 77 1.27 8.05 -5.16
C ASP A 77 0.04 8.06 -6.06
N VAL A 78 0.22 7.95 -7.38
CA VAL A 78 -0.92 8.15 -8.34
C VAL A 78 -1.98 7.08 -8.07
N PRO A 79 -1.64 5.77 -8.01
CA PRO A 79 -2.66 4.74 -7.81
C PRO A 79 -3.41 4.87 -6.48
N LEU A 80 -2.72 5.30 -5.41
CA LEU A 80 -3.40 5.51 -4.10
C LEU A 80 -4.35 6.70 -4.23
N ILE A 81 -3.95 7.76 -4.93
CA ILE A 81 -4.83 8.93 -5.16
C ILE A 81 -6.10 8.43 -5.88
N LYS A 82 -5.96 7.62 -6.91
CA LYS A 82 -7.11 7.00 -7.62
C LYS A 82 -8.03 6.30 -6.62
N GLN A 83 -7.48 5.48 -5.72
CA GLN A 83 -8.29 4.71 -4.76
C GLN A 83 -9.04 5.66 -3.84
N LEU A 84 -8.38 6.69 -3.33
CA LEU A 84 -9.02 7.62 -2.37
C LEU A 84 -10.12 8.43 -3.08
N LEU A 85 -9.94 8.82 -4.33
CA LEU A 85 -10.98 9.56 -5.10
C LEU A 85 -12.21 8.64 -5.29
N ASP A 86 -11.98 7.36 -5.57
CA ASP A 86 -13.12 6.45 -5.88
C ASP A 86 -13.95 6.16 -4.62
N ILE A 87 -13.36 6.17 -3.42
CA ILE A 87 -14.16 5.94 -2.19
C ILE A 87 -14.88 7.25 -1.82
N GLY A 88 -14.59 8.33 -2.53
CA GLY A 88 -15.40 9.56 -2.48
C GLY A 88 -14.73 10.74 -1.81
N ALA A 89 -13.44 10.67 -1.49
CA ALA A 89 -12.70 11.86 -0.99
C ALA A 89 -12.68 12.93 -2.08
N GLN A 90 -13.15 14.12 -1.79
CA GLN A 90 -13.21 15.17 -2.85
C GLN A 90 -12.10 16.20 -2.69
N THR A 91 -11.41 16.20 -1.54
CA THR A 91 -10.29 17.12 -1.30
C THR A 91 -9.11 16.30 -0.78
N LEU A 92 -7.96 16.41 -1.43
CA LEU A 92 -6.74 15.68 -1.05
C LEU A 92 -5.66 16.67 -0.63
N LEU A 93 -4.89 16.29 0.38
CA LEU A 93 -3.72 17.06 0.85
C LEU A 93 -2.48 16.19 0.62
N ILE A 94 -1.63 16.56 -0.34
CA ILE A 94 -0.47 15.71 -0.74
C ILE A 94 0.74 16.17 0.05
N PRO A 95 1.35 15.31 0.90
CA PRO A 95 2.52 15.72 1.66
C PRO A 95 3.75 15.88 0.75
N MET A 96 4.69 16.72 1.21
CA MET A 96 6.09 16.77 0.74
C MET A 96 6.16 16.98 -0.77
N VAL A 97 5.43 17.97 -1.26
CA VAL A 97 5.52 18.32 -2.70
C VAL A 97 6.71 19.27 -2.87
N GLU A 98 7.55 19.01 -3.86
CA GLU A 98 8.89 19.66 -3.92
C GLU A 98 9.21 20.19 -5.31
N SER A 99 8.31 20.11 -6.28
CA SER A 99 8.57 20.67 -7.64
C SER A 99 7.24 20.96 -8.35
N ALA A 100 7.27 21.85 -9.34
CA ALA A 100 6.12 22.12 -10.22
C ALA A 100 5.80 20.84 -11.01
N GLU A 101 6.81 20.05 -11.39
CA GLU A 101 6.60 18.79 -12.16
C GLU A 101 5.76 17.84 -11.28
N GLN A 102 6.09 17.73 -9.99
CA GLN A 102 5.34 16.83 -9.08
C GLN A 102 3.93 17.40 -8.86
N ALA A 103 3.80 18.68 -8.62
CA ALA A 103 2.49 19.33 -8.46
C ALA A 103 1.63 19.09 -9.71
N GLU A 104 2.19 19.21 -10.91
CA GLU A 104 1.42 19.01 -12.17
C GLU A 104 0.94 17.56 -12.26
N LEU A 105 1.78 16.60 -11.89
CA LEU A 105 1.41 15.17 -11.87
C LEU A 105 0.24 14.96 -10.87
N MET A 106 0.27 15.60 -9.70
CA MET A 106 -0.83 15.50 -8.71
C MET A 106 -2.12 16.08 -9.30
N VAL A 107 -2.02 17.18 -10.04
CA VAL A 107 -3.21 17.76 -10.74
C VAL A 107 -3.78 16.68 -11.67
N LYS A 108 -2.94 16.07 -12.51
CA LYS A 108 -3.43 15.10 -13.50
C LYS A 108 -4.00 13.89 -12.77
N ALA A 109 -3.39 13.50 -11.65
CA ALA A 109 -3.81 12.32 -10.87
C ALA A 109 -5.25 12.49 -10.39
N THR A 110 -5.73 13.73 -10.25
CA THR A 110 -7.06 14.02 -9.68
C THR A 110 -8.11 14.27 -10.78
N ARG A 111 -7.74 14.19 -12.06
CA ARG A 111 -8.65 14.50 -13.17
C ARG A 111 -8.74 13.33 -14.14
N TYR A 112 -9.93 13.12 -14.67
CA TYR A 112 -10.17 12.04 -15.65
C TYR A 112 -9.43 12.32 -16.95
N PRO A 113 -9.09 11.25 -17.68
CA PRO A 113 -8.68 11.37 -19.08
C PRO A 113 -9.84 11.96 -19.85
N PRO A 114 -9.56 12.64 -20.99
CA PRO A 114 -8.22 12.69 -21.57
C PRO A 114 -7.29 13.77 -20.98
N GLU A 115 -7.80 14.73 -20.19
CA GLU A 115 -6.94 15.82 -19.64
C GLU A 115 -6.06 15.32 -18.48
N GLY A 116 -6.53 14.35 -17.70
CA GLY A 116 -5.73 13.81 -16.59
C GLY A 116 -5.50 12.32 -16.68
N ILE A 117 -5.10 11.71 -15.57
CA ILE A 117 -4.72 10.27 -15.53
C ILE A 117 -5.47 9.52 -14.42
N ARG A 118 -6.53 10.10 -13.86
CA ARG A 118 -7.37 9.39 -12.86
C ARG A 118 -8.01 8.16 -13.52
N GLY A 119 -7.77 6.99 -12.96
CA GLY A 119 -8.38 5.75 -13.48
C GLY A 119 -9.88 5.84 -13.40
N VAL A 120 -10.56 5.30 -14.42
CA VAL A 120 -12.03 5.40 -14.59
C VAL A 120 -12.67 4.10 -14.15
N GLY A 121 -13.46 4.11 -13.07
CA GLY A 121 -14.25 2.94 -12.63
C GLY A 121 -15.48 3.36 -11.86
N ALA A 122 -16.35 4.15 -12.50
CA ALA A 122 -17.50 4.78 -11.83
C ALA A 122 -18.53 3.71 -11.39
N ALA A 123 -18.63 2.57 -12.07
CA ALA A 123 -19.62 1.53 -11.68
C ALA A 123 -19.34 1.06 -10.24
N LEU A 124 -18.08 1.06 -9.80
CA LEU A 124 -17.64 0.45 -8.51
C LEU A 124 -17.46 1.51 -7.41
N ALA A 125 -17.50 2.80 -7.73
CA ALA A 125 -17.04 3.88 -6.84
C ALA A 125 -18.16 4.41 -5.93
N ARG A 126 -17.92 4.51 -4.64
CA ARG A 126 -18.80 5.35 -3.79
C ARG A 126 -18.85 6.78 -4.33
N ALA A 127 -17.77 7.26 -4.95
CA ALA A 127 -17.70 8.65 -5.46
C ALA A 127 -18.88 8.93 -6.39
N SER A 128 -19.26 7.99 -7.24
CA SER A 128 -20.38 8.15 -8.21
C SER A 128 -21.69 7.65 -7.58
N ARG A 129 -21.65 7.24 -6.31
CA ARG A 129 -22.66 6.37 -5.65
C ARG A 129 -23.06 5.24 -6.61
N TRP A 130 -22.07 4.54 -7.15
CA TRP A 130 -22.23 3.33 -8.00
C TRP A 130 -23.13 3.69 -9.20
N ASN A 131 -22.84 4.85 -9.78
CA ASN A 131 -23.52 5.48 -10.94
C ASN A 131 -24.93 5.94 -10.59
N ASN A 132 -25.29 6.01 -9.31
CA ASN A 132 -26.60 6.63 -8.95
C ASN A 132 -26.50 8.15 -9.15
N ILE A 133 -25.29 8.71 -9.11
CA ILE A 133 -25.01 10.07 -9.69
C ILE A 133 -24.84 9.87 -11.19
N SER A 134 -25.91 10.03 -11.98
CA SER A 134 -25.97 9.54 -13.39
C SER A 134 -24.94 10.27 -14.27
N ASP A 135 -24.60 11.53 -13.99
CA ASP A 135 -23.69 12.32 -14.86
C ASP A 135 -22.30 12.48 -14.21
N TYR A 136 -21.96 11.59 -13.28
CA TYR A 136 -20.71 11.72 -12.47
C TYR A 136 -19.49 11.95 -13.39
N LEU A 137 -19.31 11.15 -14.44
CA LEU A 137 -18.05 11.24 -15.25
C LEU A 137 -17.94 12.61 -15.92
N GLN A 138 -19.04 13.32 -16.09
CA GLN A 138 -19.01 14.72 -16.64
C GLN A 138 -18.82 15.77 -15.51
N THR A 139 -19.26 15.52 -14.29
CA THR A 139 -19.37 16.55 -13.21
C THR A 139 -18.32 16.34 -12.11
N ALA A 140 -17.61 15.21 -12.12
CA ALA A 140 -16.66 14.84 -11.04
C ALA A 140 -15.54 15.89 -10.89
N ASP A 141 -14.88 16.23 -12.00
CA ASP A 141 -13.60 16.98 -11.96
C ASP A 141 -13.85 18.32 -11.24
N GLU A 142 -15.01 18.94 -11.51
CA GLU A 142 -15.35 20.32 -11.02
C GLU A 142 -15.30 20.34 -9.49
N GLN A 143 -15.63 19.24 -8.79
CA GLN A 143 -15.80 19.21 -7.31
C GLN A 143 -14.56 18.61 -6.63
N ILE A 144 -13.48 18.34 -7.35
CA ILE A 144 -12.24 17.82 -6.76
C ILE A 144 -11.33 19.01 -6.44
N CYS A 145 -10.73 18.98 -5.27
CA CYS A 145 -9.86 20.05 -4.75
C CYS A 145 -8.49 19.45 -4.45
N LEU A 146 -7.44 20.02 -5.02
CA LEU A 146 -6.05 19.55 -4.78
C LEU A 146 -5.30 20.57 -3.91
N LEU A 147 -4.81 20.09 -2.78
CA LEU A 147 -3.94 20.85 -1.85
C LEU A 147 -2.60 20.12 -1.85
N VAL A 148 -1.52 20.88 -1.88
CA VAL A 148 -0.16 20.29 -1.79
C VAL A 148 0.56 20.91 -0.58
N GLN A 149 1.42 20.13 0.04
CA GLN A 149 2.18 20.62 1.20
C GLN A 149 3.54 21.09 0.75
N VAL A 150 3.90 22.29 1.20
CA VAL A 150 5.32 22.74 1.14
C VAL A 150 5.89 22.65 2.55
N GLU A 151 6.87 21.78 2.74
CA GLU A 151 7.34 21.46 4.12
C GLU A 151 8.76 20.91 4.11
N SER A 152 9.56 21.33 3.14
CA SER A 152 10.99 20.97 2.99
C SER A 152 11.75 22.15 2.36
N LYS A 153 13.07 22.13 2.42
CA LYS A 153 13.88 23.18 1.74
C LYS A 153 13.63 23.11 0.24
N LYS A 154 13.56 21.91 -0.34
CA LYS A 154 13.34 21.77 -1.79
C LYS A 154 11.95 22.36 -2.15
N GLY A 155 10.93 22.12 -1.33
CA GLY A 155 9.62 22.74 -1.57
C GLY A 155 9.75 24.25 -1.59
N LEU A 156 10.44 24.83 -0.61
CA LEU A 156 10.61 26.31 -0.57
C LEU A 156 11.44 26.76 -1.78
N ASP A 157 12.37 25.92 -2.26
CA ASP A 157 13.25 26.23 -3.41
C ASP A 157 12.44 26.24 -4.71
N ASN A 158 11.23 25.67 -4.69
CA ASN A 158 10.36 25.52 -5.87
C ASN A 158 9.00 26.17 -5.61
N LEU A 159 8.91 27.04 -4.60
CA LEU A 159 7.60 27.62 -4.20
C LEU A 159 6.97 28.40 -5.34
N ASP A 160 7.73 29.33 -5.96
CA ASP A 160 7.16 30.20 -7.01
C ASP A 160 6.70 29.32 -8.16
N GLU A 161 7.43 28.25 -8.46
CA GLU A 161 7.11 27.34 -9.59
C GLU A 161 5.86 26.54 -9.22
N ILE A 162 5.76 26.02 -8.00
CA ILE A 162 4.53 25.31 -7.55
C ILE A 162 3.32 26.26 -7.62
N LEU A 163 3.48 27.52 -7.21
CA LEU A 163 2.39 28.52 -7.17
C LEU A 163 1.91 28.90 -8.57
N ASN A 164 2.67 28.61 -9.61
CA ASN A 164 2.24 28.85 -11.00
C ASN A 164 1.53 27.63 -11.60
N VAL A 165 1.31 26.55 -10.84
CA VAL A 165 0.64 25.34 -11.37
C VAL A 165 -0.88 25.55 -11.30
N ASP A 166 -1.51 25.57 -12.47
CA ASP A 166 -2.99 25.59 -12.58
C ASP A 166 -3.47 24.23 -12.11
N GLY A 167 -4.37 24.25 -11.16
CA GLY A 167 -4.97 23.03 -10.63
C GLY A 167 -4.54 22.85 -9.21
N VAL A 168 -3.48 23.52 -8.78
CA VAL A 168 -3.14 23.51 -7.33
C VAL A 168 -4.08 24.52 -6.70
N ASP A 169 -5.02 24.07 -5.87
CA ASP A 169 -6.02 25.01 -5.29
C ASP A 169 -5.46 25.67 -4.03
N GLY A 170 -4.58 24.97 -3.32
CA GLY A 170 -4.06 25.50 -2.05
C GLY A 170 -2.69 24.94 -1.76
N ILE A 171 -1.88 25.73 -1.07
CA ILE A 171 -0.60 25.26 -0.52
C ILE A 171 -0.69 25.32 1.00
N PHE A 172 -0.38 24.19 1.62
CA PHE A 172 -0.47 24.00 3.09
C PHE A 172 0.96 23.88 3.59
N ILE A 173 1.29 24.61 4.64
CA ILE A 173 2.64 24.58 5.26
C ILE A 173 2.63 23.57 6.41
N GLY A 174 3.59 22.65 6.41
CA GLY A 174 3.73 21.64 7.47
C GLY A 174 4.80 22.07 8.46
N PRO A 175 4.48 22.70 9.61
CA PRO A 175 5.53 23.20 10.50
C PRO A 175 6.46 22.15 11.12
N ALA A 176 5.98 20.95 11.39
CA ALA A 176 6.85 19.89 11.94
C ALA A 176 7.92 19.48 10.94
N ASP A 177 7.50 19.07 9.74
CA ASP A 177 8.44 18.68 8.67
C ASP A 177 9.32 19.89 8.32
N LEU A 178 8.78 21.10 8.24
CA LEU A 178 9.57 22.25 7.74
C LEU A 178 10.63 22.62 8.80
N SER A 179 10.27 22.69 10.06
CA SER A 179 11.21 23.07 11.14
C SER A 179 12.31 22.02 11.22
N ALA A 180 11.99 20.74 11.03
CA ALA A 180 13.00 19.66 11.04
C ALA A 180 13.94 19.87 9.84
N ALA A 181 13.38 20.12 8.66
CA ALA A 181 14.18 20.28 7.43
C ALA A 181 15.16 21.45 7.62
N LEU A 182 14.73 22.49 8.34
CA LEU A 182 15.53 23.72 8.59
C LEU A 182 16.55 23.53 9.73
N GLY A 183 16.59 22.37 10.38
CA GLY A 183 17.57 22.09 11.46
C GLY A 183 17.08 22.61 12.80
N TYR A 184 15.77 22.85 12.90
CA TYR A 184 15.07 23.25 14.15
C TYR A 184 13.99 22.20 14.50
N ARG A 185 14.36 20.92 14.44
CA ARG A 185 13.41 19.82 14.70
C ARG A 185 12.84 19.97 16.12
N GLY A 186 11.51 19.95 16.21
CA GLY A 186 10.79 20.10 17.48
C GLY A 186 10.68 21.55 17.94
N ASN A 187 11.14 22.52 17.15
CA ASN A 187 11.21 23.95 17.56
C ASN A 187 10.68 24.85 16.45
N PRO A 188 9.48 24.58 15.90
CA PRO A 188 8.90 25.40 14.86
C PRO A 188 8.58 26.84 15.31
N GLY A 189 8.41 27.04 16.61
CA GLY A 189 8.10 28.36 17.21
C GLY A 189 9.28 29.32 17.13
N HIS A 190 10.49 28.88 16.80
CA HIS A 190 11.66 29.80 16.64
C HIS A 190 11.39 30.80 15.51
N GLU A 191 11.83 32.04 15.72
CA GLU A 191 11.64 33.18 14.81
C GLU A 191 12.17 32.83 13.41
N PHE A 192 13.30 32.15 13.30
CA PHE A 192 13.90 31.75 11.99
C PHE A 192 12.85 30.97 11.18
N VAL A 193 12.20 30.00 11.83
CA VAL A 193 11.13 29.20 11.15
C VAL A 193 9.90 30.07 10.91
N GLN A 194 9.42 30.81 11.91
CA GLN A 194 8.15 31.58 11.81
C GLN A 194 8.27 32.67 10.73
N ASN A 195 9.43 33.33 10.61
CA ASN A 195 9.58 34.39 9.59
C ASN A 195 9.41 33.73 8.21
N ILE A 196 9.96 32.54 8.02
CA ILE A 196 9.84 31.80 6.73
C ILE A 196 8.36 31.43 6.50
N ILE A 197 7.67 30.93 7.52
CA ILE A 197 6.23 30.55 7.43
C ILE A 197 5.40 31.76 7.02
N VAL A 198 5.60 32.91 7.68
CA VAL A 198 4.80 34.14 7.38
C VAL A 198 5.06 34.58 5.93
N GLN A 199 6.33 34.64 5.51
CA GLN A 199 6.74 35.04 4.13
C GLN A 199 6.07 34.08 3.12
N THR A 200 6.08 32.77 3.41
CA THR A 200 5.48 31.72 2.56
C THR A 200 3.97 31.89 2.46
N ILE A 201 3.28 32.13 3.56
CA ILE A 201 1.82 32.43 3.53
C ILE A 201 1.60 33.65 2.61
N GLN A 202 2.36 34.73 2.80
CA GLN A 202 2.18 35.97 2.01
C GLN A 202 2.36 35.69 0.51
N LYS A 203 3.36 34.90 0.14
CA LYS A 203 3.63 34.59 -1.29
C LYS A 203 2.50 33.73 -1.85
N ILE A 204 2.02 32.73 -1.08
CA ILE A 204 0.93 31.83 -1.56
C ILE A 204 -0.28 32.72 -1.90
N ARG A 205 -0.70 33.58 -0.99
CA ARG A 205 -1.90 34.41 -1.19
C ARG A 205 -1.65 35.43 -2.32
N ALA A 206 -0.44 35.97 -2.46
CA ALA A 206 -0.10 36.95 -3.53
C ALA A 206 -0.23 36.28 -4.91
N ALA A 207 0.00 34.98 -5.00
CA ALA A 207 -0.15 34.23 -6.27
C ALA A 207 -1.63 33.82 -6.50
N GLY A 208 -2.54 34.19 -5.61
CA GLY A 208 -3.98 33.90 -5.75
C GLY A 208 -4.34 32.46 -5.39
N LYS A 209 -3.47 31.75 -4.68
CA LYS A 209 -3.79 30.40 -4.16
C LYS A 209 -4.25 30.52 -2.71
N ALA A 210 -4.98 29.52 -2.22
CA ALA A 210 -5.33 29.42 -0.80
C ALA A 210 -4.09 28.96 0.00
N ALA A 211 -3.86 29.55 1.16
CA ALA A 211 -2.78 29.14 2.07
C ALA A 211 -3.42 28.35 3.21
N GLY A 212 -2.71 27.36 3.71
CA GLY A 212 -3.15 26.55 4.86
C GLY A 212 -2.03 26.22 5.78
N ILE A 213 -2.37 25.78 6.98
CA ILE A 213 -1.38 25.41 8.02
C ILE A 213 -2.11 24.72 9.14
N LEU A 214 -1.37 23.96 9.92
CA LEU A 214 -1.79 23.39 11.21
C LEU A 214 -0.94 24.03 12.32
N SER A 215 -1.60 24.46 13.39
CA SER A 215 -0.90 24.80 14.66
C SER A 215 -1.86 24.55 15.82
N ALA A 216 -1.41 23.78 16.77
CA ALA A 216 -2.14 23.54 18.03
C ALA A 216 -1.84 24.69 19.01
N ASP A 217 -1.01 25.64 18.62
CA ASP A 217 -0.70 26.83 19.47
C ASP A 217 -1.74 27.90 19.14
N GLU A 218 -2.58 28.26 20.10
CA GLU A 218 -3.73 29.17 19.83
C GLU A 218 -3.19 30.51 19.33
N LYS A 219 -2.13 31.02 19.94
CA LYS A 219 -1.58 32.34 19.53
C LYS A 219 -1.13 32.27 18.06
N LEU A 220 -0.39 31.22 17.69
CA LEU A 220 0.15 31.14 16.30
C LEU A 220 -1.04 31.00 15.34
N ALA A 221 -1.99 30.11 15.66
CA ALA A 221 -3.18 29.89 14.79
C ALA A 221 -3.92 31.22 14.59
N LYS A 222 -4.17 31.96 15.66
CA LYS A 222 -4.82 33.28 15.52
C LYS A 222 -3.97 34.24 14.67
N GLN A 223 -2.64 34.24 14.80
CA GLN A 223 -1.76 35.09 13.95
C GLN A 223 -1.94 34.69 12.49
N TYR A 224 -1.96 33.39 12.20
CA TYR A 224 -2.10 32.92 10.80
C TYR A 224 -3.46 33.36 10.25
N LEU A 225 -4.51 33.27 11.06
CA LEU A 225 -5.85 33.71 10.64
C LEU A 225 -5.81 35.24 10.39
N GLU A 226 -5.15 36.03 11.22
CA GLU A 226 -5.07 37.51 11.00
C GLU A 226 -4.36 37.80 9.68
N LEU A 227 -3.40 36.96 9.29
CA LEU A 227 -2.67 37.12 8.01
C LEU A 227 -3.55 36.74 6.82
N GLY A 228 -4.75 36.19 7.01
CA GLY A 228 -5.68 35.88 5.89
C GLY A 228 -5.64 34.41 5.48
N THR A 229 -4.89 33.58 6.20
CA THR A 229 -4.70 32.14 5.85
C THR A 229 -6.11 31.51 5.71
N GLU A 230 -6.35 30.84 4.59
CA GLU A 230 -7.72 30.41 4.18
C GLU A 230 -8.13 29.13 4.91
N PHE A 231 -7.21 28.18 5.17
CA PHE A 231 -7.59 26.90 5.85
C PHE A 231 -6.58 26.61 6.95
N VAL A 232 -7.04 26.75 8.18
CA VAL A 232 -6.19 26.63 9.39
C VAL A 232 -6.74 25.50 10.25
N ALA A 233 -5.92 24.47 10.47
CA ALA A 233 -6.24 23.39 11.41
C ALA A 233 -5.68 23.82 12.77
N VAL A 234 -6.48 23.67 13.82
CA VAL A 234 -6.20 24.33 15.12
C VAL A 234 -5.93 23.28 16.20
N GLY A 235 -6.04 22.01 15.83
CA GLY A 235 -5.75 20.93 16.79
C GLY A 235 -5.84 19.54 16.17
N VAL A 236 -5.57 18.56 16.99
CA VAL A 236 -5.37 17.14 16.59
C VAL A 236 -6.12 16.30 17.61
N ASP A 237 -6.96 15.38 17.16
CA ASP A 237 -7.81 14.56 18.05
C ASP A 237 -6.93 13.76 19.03
N THR A 238 -5.89 13.05 18.58
CA THR A 238 -5.02 12.27 19.49
C THR A 238 -4.45 13.18 20.59
N SER A 239 -3.97 14.37 20.24
CA SER A 239 -3.39 15.33 21.21
C SER A 239 -4.45 15.80 22.22
N LEU A 240 -5.65 16.13 21.74
CA LEU A 240 -6.72 16.65 22.63
C LEU A 240 -7.19 15.56 23.57
N LEU A 241 -7.30 14.33 23.08
CA LEU A 241 -7.67 13.17 23.94
C LEU A 241 -6.63 12.97 25.05
N MET A 242 -5.34 12.88 24.68
CA MET A 242 -4.26 12.69 25.66
C MET A 242 -4.24 13.88 26.64
N LYS A 243 -4.26 15.12 26.18
CA LYS A 243 -4.08 16.29 27.09
C LYS A 243 -5.30 16.37 28.03
N SER A 244 -6.52 16.16 27.52
CA SER A 244 -7.75 16.27 28.34
C SER A 244 -7.67 15.23 29.47
N MET A 245 -7.19 14.02 29.17
CA MET A 245 -7.16 12.93 30.16
C MET A 245 -6.05 13.24 31.17
N LYS A 246 -4.94 13.83 30.72
CA LYS A 246 -3.81 14.11 31.63
C LYS A 246 -4.19 15.26 32.57
N GLN A 247 -4.78 16.30 32.02
CA GLN A 247 -5.22 17.49 32.80
C GLN A 247 -6.23 17.09 33.88
N LEU A 248 -7.16 16.20 33.57
CA LEU A 248 -8.14 15.69 34.56
C LEU A 248 -7.42 14.91 35.66
N LEU A 249 -6.52 13.99 35.29
CA LEU A 249 -5.86 13.15 36.31
C LEU A 249 -5.08 14.07 37.26
N SER A 250 -4.46 15.12 36.72
CA SER A 250 -3.59 16.04 37.50
C SER A 250 -4.40 16.72 38.62
N LYS A 251 -5.74 16.82 38.51
CA LYS A 251 -6.61 17.41 39.56
C LYS A 251 -6.74 16.49 40.77
N PHE A 252 -6.42 15.19 40.64
CA PHE A 252 -6.60 14.16 41.68
C PHE A 252 -5.27 13.45 42.03
N LYS A 253 -4.21 13.66 41.24
CA LYS A 253 -2.97 12.84 41.07
C LYS A 253 -3.17 11.45 41.66
N MET B 1 7.46 10.16 30.23
CA MET B 1 7.92 8.81 29.80
C MET B 1 9.24 8.97 29.02
N VAL B 2 10.20 8.08 29.24
CA VAL B 2 11.45 7.99 28.42
C VAL B 2 11.16 7.09 27.20
N ASN B 3 11.80 7.37 26.06
CA ASN B 3 11.68 6.57 24.81
C ASN B 3 11.99 5.10 25.19
N THR B 4 11.21 4.18 24.61
CA THR B 4 11.40 2.70 24.74
C THR B 4 12.84 2.36 24.31
N VAL B 5 13.63 1.76 25.19
CA VAL B 5 15.03 1.40 24.84
C VAL B 5 14.98 0.23 23.85
N ASN B 6 15.74 0.33 22.77
CA ASN B 6 15.85 -0.78 21.80
C ASN B 6 16.93 -1.75 22.28
N TYR B 7 16.53 -2.74 23.07
CA TYR B 7 17.43 -3.77 23.64
C TYR B 7 17.93 -4.66 22.50
N PHE B 8 17.13 -4.92 21.48
CA PHE B 8 17.57 -5.71 20.31
C PHE B 8 18.83 -5.05 19.74
N LYS B 9 18.77 -3.74 19.51
CA LYS B 9 19.88 -2.97 18.91
C LYS B 9 21.12 -3.08 19.81
N GLN B 10 20.98 -2.89 21.12
CA GLN B 10 22.13 -2.95 22.05
C GLN B 10 22.74 -4.35 22.01
N LYS B 11 21.89 -5.39 22.03
CA LYS B 11 22.33 -6.79 22.16
C LYS B 11 23.00 -7.29 20.87
N LEU B 12 22.89 -6.57 19.75
CA LEU B 12 23.65 -6.92 18.52
C LEU B 12 25.16 -6.93 18.83
N LYS B 13 25.60 -6.22 19.88
CA LYS B 13 27.03 -6.07 20.20
C LYS B 13 27.42 -6.91 21.42
N THR B 14 26.47 -7.55 22.12
CA THR B 14 26.75 -8.20 23.43
C THR B 14 26.29 -9.66 23.50
N GLU B 15 25.41 -10.14 22.61
CA GLU B 15 24.97 -11.54 22.71
C GLU B 15 24.39 -12.00 21.37
N GLN B 16 23.97 -13.26 21.34
CA GLN B 16 23.36 -13.90 20.16
C GLN B 16 21.87 -14.02 20.47
N GLN B 17 21.03 -13.38 19.66
CA GLN B 17 19.58 -13.28 19.95
C GLN B 17 18.82 -14.30 19.13
N ILE B 18 17.99 -15.11 19.79
CA ILE B 18 17.19 -16.18 19.15
C ILE B 18 15.80 -15.61 18.78
N GLY B 19 15.40 -15.83 17.55
CA GLY B 19 14.19 -15.22 16.94
C GLY B 19 13.17 -16.24 16.51
N MET B 20 11.92 -15.78 16.46
CA MET B 20 10.79 -16.56 15.93
C MET B 20 10.11 -15.69 14.86
N TRP B 21 9.83 -16.26 13.69
CA TRP B 21 9.11 -15.56 12.61
C TRP B 21 7.62 -15.55 12.94
N VAL B 22 6.97 -14.39 12.83
CA VAL B 22 5.53 -14.27 13.15
C VAL B 22 4.78 -13.91 11.86
N GLY B 23 4.19 -14.90 11.22
CA GLY B 23 3.41 -14.72 9.99
C GLY B 23 1.96 -15.10 10.15
N LEU B 24 1.45 -15.30 11.37
CA LEU B 24 0.01 -15.62 11.54
C LEU B 24 -0.84 -14.35 11.45
N ALA B 25 -0.24 -13.16 11.40
CA ALA B 25 -0.86 -11.91 10.88
C ALA B 25 -2.01 -11.47 11.78
N ASP B 26 -1.85 -11.63 13.09
CA ASP B 26 -2.97 -11.47 14.02
C ASP B 26 -2.45 -11.09 15.41
N GLY B 27 -3.10 -10.16 16.12
CA GLY B 27 -2.68 -9.75 17.46
C GLY B 27 -2.72 -10.87 18.48
N TYR B 28 -3.71 -11.75 18.37
CA TYR B 28 -3.90 -12.88 19.31
C TYR B 28 -2.75 -13.88 19.15
N CYS B 29 -2.46 -14.30 17.91
CA CYS B 29 -1.34 -15.23 17.63
C CYS B 29 0.02 -14.60 18.00
N ALA B 30 0.19 -13.31 17.77
CA ALA B 30 1.46 -12.63 18.11
C ALA B 30 1.64 -12.69 19.64
N GLU B 31 0.56 -12.51 20.39
CA GLU B 31 0.66 -12.57 21.88
C GLU B 31 1.09 -13.98 22.32
N ILE B 32 0.57 -15.02 21.68
CA ILE B 32 0.95 -16.40 22.05
C ILE B 32 2.46 -16.51 21.86
N ALA B 33 2.98 -16.04 20.73
CA ALA B 33 4.43 -16.14 20.45
C ALA B 33 5.21 -15.32 21.49
N ALA B 34 4.67 -14.16 21.89
CA ALA B 34 5.33 -13.23 22.84
C ALA B 34 5.52 -13.89 24.22
N ASN B 35 4.70 -14.87 24.58
CA ASN B 35 4.76 -15.54 25.91
C ASN B 35 5.92 -16.54 25.98
N VAL B 36 6.52 -16.93 24.84
CA VAL B 36 7.45 -18.10 24.82
C VAL B 36 8.82 -17.69 25.38
N GLY B 37 9.33 -16.50 25.09
CA GLY B 37 10.64 -16.06 25.61
C GLY B 37 11.70 -15.88 24.53
N TYR B 38 11.32 -15.81 23.24
CA TYR B 38 12.25 -15.47 22.16
C TYR B 38 12.85 -14.11 22.44
N ASP B 39 14.12 -13.92 22.06
CA ASP B 39 14.82 -12.62 22.15
C ASP B 39 14.14 -11.63 21.19
N TRP B 40 13.68 -12.11 20.04
CA TRP B 40 13.06 -11.23 19.04
C TRP B 40 11.97 -11.96 18.28
N LEU B 41 10.99 -11.20 17.85
CA LEU B 41 9.85 -11.67 17.04
C LEU B 41 9.85 -10.86 15.75
N LEU B 42 9.80 -11.52 14.60
CA LEU B 42 9.80 -10.84 13.28
C LEU B 42 8.36 -10.80 12.77
N ILE B 43 7.73 -9.63 12.83
CA ILE B 43 6.37 -9.43 12.27
C ILE B 43 6.55 -9.22 10.77
N ASP B 44 6.13 -10.19 9.98
CA ASP B 44 6.46 -10.26 8.54
C ASP B 44 5.39 -9.53 7.71
N GLY B 45 5.73 -8.35 7.21
CA GLY B 45 4.87 -7.55 6.31
C GLY B 45 5.23 -7.82 4.86
N GLU B 46 6.15 -8.75 4.58
CA GLU B 46 6.53 -9.12 3.19
C GLU B 46 5.81 -10.39 2.75
N HIS B 47 5.82 -11.44 3.56
CA HIS B 47 5.39 -12.81 3.13
C HIS B 47 4.21 -13.32 3.95
N ALA B 48 3.68 -12.51 4.85
CA ALA B 48 2.41 -12.79 5.56
C ALA B 48 1.40 -11.69 5.28
N PRO B 49 0.09 -11.98 5.35
CA PRO B 49 -0.91 -11.01 4.91
C PRO B 49 -1.15 -9.92 5.97
N ASN B 50 -0.18 -9.03 6.07
CA ASN B 50 -0.15 -7.94 7.08
C ASN B 50 -0.25 -6.60 6.37
N ASP B 51 -0.76 -5.62 7.08
CA ASP B 51 -0.72 -4.19 6.66
C ASP B 51 -0.37 -3.35 7.89
N VAL B 52 -0.26 -2.04 7.72
CA VAL B 52 0.11 -1.16 8.87
C VAL B 52 -0.84 -1.47 10.03
N ARG B 53 -2.13 -1.55 9.81
CA ARG B 53 -3.10 -1.74 10.93
C ARG B 53 -2.92 -3.09 11.63
N SER B 54 -2.71 -4.19 10.91
CA SER B 54 -2.52 -5.51 11.57
C SER B 54 -1.15 -5.55 12.27
N ILE B 55 -0.14 -4.89 11.71
CA ILE B 55 1.20 -4.83 12.36
C ILE B 55 1.08 -4.04 13.68
N LEU B 56 0.35 -2.93 13.68
CA LEU B 56 0.07 -2.16 14.91
C LEU B 56 -0.55 -3.07 15.97
N ALA B 57 -1.60 -3.84 15.64
CA ALA B 57 -2.26 -4.73 16.61
C ALA B 57 -1.22 -5.67 17.23
N GLN B 58 -0.30 -6.18 16.42
CA GLN B 58 0.71 -7.16 16.89
C GLN B 58 1.74 -6.46 17.78
N LEU B 59 2.17 -5.23 17.43
CA LEU B 59 3.09 -4.45 18.29
C LEU B 59 2.43 -4.22 19.65
N GLN B 60 1.13 -3.93 19.65
CA GLN B 60 0.39 -3.68 20.90
C GLN B 60 0.33 -4.95 21.76
N SER B 61 0.09 -6.12 21.17
CA SER B 61 0.06 -7.44 21.85
C SER B 61 1.40 -7.75 22.49
N ILE B 62 2.46 -7.62 21.71
CA ILE B 62 3.87 -8.02 22.06
C ILE B 62 4.45 -7.05 23.10
N ALA B 63 3.95 -5.82 23.17
CA ALA B 63 4.58 -4.71 23.93
C ALA B 63 4.59 -5.03 25.42
N ALA B 64 3.71 -5.89 25.91
CA ALA B 64 3.63 -6.22 27.37
C ALA B 64 4.71 -7.23 27.73
N TYR B 65 5.47 -7.72 26.77
CA TYR B 65 6.38 -8.88 26.96
C TYR B 65 7.81 -8.46 26.63
N PRO B 66 8.84 -9.14 27.19
CA PRO B 66 10.21 -8.74 26.92
C PRO B 66 10.72 -8.99 25.49
N SER B 67 10.12 -9.88 24.72
CA SER B 67 10.52 -10.15 23.31
C SER B 67 10.56 -8.83 22.54
N GLN B 68 11.64 -8.59 21.80
CA GLN B 68 11.81 -7.36 21.00
C GLN B 68 11.16 -7.55 19.63
N ALA B 69 10.35 -6.60 19.19
CA ALA B 69 9.68 -6.66 17.87
C ALA B 69 10.61 -6.09 16.79
N VAL B 70 10.67 -6.83 15.69
CA VAL B 70 11.33 -6.43 14.43
C VAL B 70 10.26 -6.54 13.35
N VAL B 71 10.14 -5.53 12.51
CA VAL B 71 9.11 -5.55 11.45
C VAL B 71 9.79 -5.60 10.08
N ARG B 72 9.29 -6.46 9.20
CA ARG B 72 9.76 -6.50 7.80
C ARG B 72 8.71 -5.88 6.89
N PRO B 73 9.00 -4.73 6.27
CA PRO B 73 8.07 -4.19 5.27
C PRO B 73 8.13 -5.00 3.97
N VAL B 74 7.10 -4.85 3.16
CA VAL B 74 7.00 -5.60 1.88
C VAL B 74 8.15 -5.23 0.94
N SER B 75 8.69 -4.02 1.02
CA SER B 75 9.87 -3.61 0.23
C SER B 75 10.49 -2.39 0.91
N GLY B 76 11.61 -1.91 0.39
CA GLY B 76 12.28 -0.72 0.91
C GLY B 76 11.61 0.56 0.46
N ASP B 77 10.34 0.71 0.80
CA ASP B 77 9.47 1.83 0.38
C ASP B 77 9.54 2.92 1.45
N VAL B 78 9.97 4.12 1.09
CA VAL B 78 10.28 5.17 2.11
C VAL B 78 9.00 5.53 2.86
N PRO B 79 7.86 5.81 2.19
CA PRO B 79 6.63 6.17 2.89
C PRO B 79 6.10 5.05 3.80
N LEU B 80 6.22 3.80 3.38
CA LEU B 80 5.81 2.65 4.24
C LEU B 80 6.71 2.57 5.47
N ILE B 81 8.02 2.77 5.29
CA ILE B 81 8.97 2.82 6.43
C ILE B 81 8.53 3.91 7.42
N LYS B 82 8.19 5.10 6.93
CA LYS B 82 7.65 6.19 7.77
C LYS B 82 6.45 5.69 8.57
N GLN B 83 5.51 5.00 7.93
CA GLN B 83 4.27 4.54 8.61
C GLN B 83 4.62 3.52 9.70
N LEU B 84 5.53 2.58 9.42
CA LEU B 84 5.89 1.53 10.40
C LEU B 84 6.65 2.14 11.58
N LEU B 85 7.51 3.13 11.36
CA LEU B 85 8.22 3.80 12.47
C LEU B 85 7.21 4.55 13.37
N ASP B 86 6.20 5.20 12.79
CA ASP B 86 5.27 6.03 13.61
C ASP B 86 4.35 5.14 14.45
N ILE B 87 4.01 3.91 14.02
CA ILE B 87 3.21 2.99 14.87
C ILE B 87 4.10 2.37 15.94
N GLY B 88 5.40 2.57 15.86
CA GLY B 88 6.32 2.33 16.99
C GLY B 88 7.28 1.17 16.76
N ALA B 89 7.38 0.63 15.55
CA ALA B 89 8.43 -0.37 15.20
C ALA B 89 9.79 0.28 15.35
N GLN B 90 10.66 -0.28 16.20
CA GLN B 90 11.98 0.37 16.41
C GLN B 90 13.09 -0.34 15.64
N THR B 91 12.83 -1.55 15.13
CA THR B 91 13.81 -2.30 14.31
C THR B 91 13.11 -2.75 13.02
N LEU B 92 13.69 -2.41 11.87
CA LEU B 92 13.15 -2.78 10.55
C LEU B 92 14.10 -3.75 9.86
N LEU B 93 13.54 -4.71 9.16
CA LEU B 93 14.30 -5.63 8.30
C LEU B 93 13.86 -5.38 6.86
N ILE B 94 14.74 -4.79 6.03
CA ILE B 94 14.40 -4.40 4.64
C ILE B 94 14.78 -5.53 3.71
N PRO B 95 13.81 -6.14 2.97
CA PRO B 95 14.16 -7.21 2.05
C PRO B 95 14.89 -6.70 0.79
N MET B 96 15.66 -7.60 0.19
CA MET B 96 16.16 -7.50 -1.21
C MET B 96 16.94 -6.20 -1.39
N VAL B 97 17.84 -5.91 -0.46
CA VAL B 97 18.72 -4.72 -0.62
C VAL B 97 19.90 -5.12 -1.50
N GLU B 98 20.21 -4.30 -2.50
CA GLU B 98 21.10 -4.73 -3.62
C GLU B 98 22.19 -3.70 -3.91
N SER B 99 22.29 -2.59 -3.18
CA SER B 99 23.36 -1.60 -3.46
C SER B 99 23.60 -0.75 -2.20
N ALA B 100 24.77 -0.13 -2.13
CA ALA B 100 25.11 0.82 -1.04
C ALA B 100 24.18 2.03 -1.17
N GLU B 101 23.81 2.42 -2.40
CA GLU B 101 22.91 3.58 -2.65
C GLU B 101 21.54 3.28 -1.99
N GLN B 102 21.01 2.09 -2.20
CA GLN B 102 19.72 1.69 -1.61
C GLN B 102 19.86 1.60 -0.10
N ALA B 103 20.90 0.97 0.41
CA ALA B 103 21.12 0.92 1.87
C ALA B 103 21.19 2.33 2.47
N GLU B 104 21.89 3.26 1.83
CA GLU B 104 22.00 4.66 2.35
C GLU B 104 20.62 5.32 2.39
N LEU B 105 19.78 5.08 1.38
CA LEU B 105 18.40 5.63 1.36
C LEU B 105 17.61 5.03 2.54
N MET B 106 17.79 3.73 2.83
CA MET B 106 17.08 3.08 3.97
C MET B 106 17.55 3.71 5.29
N VAL B 107 18.84 4.01 5.42
CA VAL B 107 19.38 4.71 6.63
C VAL B 107 18.63 6.04 6.77
N LYS B 108 18.54 6.83 5.70
CA LYS B 108 17.93 8.18 5.80
C LYS B 108 16.44 8.01 6.08
N ALA B 109 15.82 6.97 5.50
CA ALA B 109 14.37 6.72 5.67
C ALA B 109 14.04 6.53 7.15
N THR B 110 15.01 6.08 7.98
CA THR B 110 14.78 5.75 9.40
C THR B 110 15.18 6.90 10.34
N ARG B 111 15.68 8.02 9.81
CA ARG B 111 16.19 9.14 10.64
C ARG B 111 15.48 10.43 10.28
N TYR B 112 15.21 11.24 11.28
CA TYR B 112 14.52 12.54 11.12
C TYR B 112 15.41 13.51 10.36
N PRO B 113 14.80 14.46 9.63
CA PRO B 113 15.53 15.60 9.09
C PRO B 113 16.13 16.36 10.27
N PRO B 114 17.22 17.12 10.05
CA PRO B 114 17.78 17.37 8.72
C PRO B 114 18.70 16.27 8.18
N GLU B 115 19.17 15.33 9.00
CA GLU B 115 20.16 14.29 8.55
C GLU B 115 19.45 13.21 7.73
N GLY B 116 18.18 12.90 8.02
CA GLY B 116 17.46 11.89 7.23
C GLY B 116 16.19 12.43 6.60
N ILE B 117 15.29 11.53 6.21
CA ILE B 117 14.06 11.89 5.44
C ILE B 117 12.82 11.29 6.10
N ARG B 118 12.90 10.79 7.32
CA ARG B 118 11.70 10.28 8.05
C ARG B 118 10.70 11.43 8.26
N GLY B 119 9.48 11.23 7.78
CA GLY B 119 8.44 12.25 7.94
C GLY B 119 8.15 12.47 9.41
N VAL B 120 7.91 13.72 9.79
CA VAL B 120 7.76 14.15 11.19
C VAL B 120 6.28 14.30 11.51
N GLY B 121 5.74 13.49 12.41
CA GLY B 121 4.35 13.62 12.89
C GLY B 121 4.18 13.02 14.27
N ALA B 122 4.96 13.50 15.24
CA ALA B 122 5.02 12.93 16.60
C ALA B 122 3.67 13.09 17.33
N ALA B 123 2.87 14.13 17.07
CA ALA B 123 1.59 14.34 17.79
C ALA B 123 0.68 13.12 17.55
N LEU B 124 0.82 12.46 16.40
CA LEU B 124 -0.12 11.39 15.96
C LEU B 124 0.43 9.99 16.22
N ALA B 125 1.71 9.87 16.58
CA ALA B 125 2.44 8.59 16.52
C ALA B 125 2.37 7.83 17.85
N ARG B 126 2.03 6.55 17.81
CA ARG B 126 2.27 5.65 18.96
C ARG B 126 3.77 5.67 19.32
N ALA B 127 4.66 5.84 18.34
CA ALA B 127 6.12 5.86 18.59
C ALA B 127 6.47 6.86 19.69
N SER B 128 5.87 8.05 19.71
CA SER B 128 6.13 9.12 20.70
C SER B 128 5.17 8.98 21.89
N ARG B 129 4.33 7.94 21.90
CA ARG B 129 3.10 7.84 22.73
C ARG B 129 2.34 9.17 22.68
N TRP B 130 2.10 9.69 21.47
CA TRP B 130 1.29 10.90 21.19
C TRP B 130 1.86 12.08 22.00
N ASN B 131 3.19 12.17 21.97
CA ASN B 131 4.03 13.19 22.66
C ASN B 131 4.02 13.00 24.16
N ASN B 132 3.55 11.86 24.67
CA ASN B 132 3.72 11.59 26.11
C ASN B 132 5.18 11.25 26.41
N ILE B 133 5.94 10.77 25.42
CA ILE B 133 7.45 10.83 25.45
C ILE B 133 7.84 12.25 25.04
N SER B 134 8.06 13.14 26.02
CA SER B 134 8.11 14.61 25.77
C SER B 134 9.33 15.00 24.92
N ASP B 135 10.41 14.22 24.92
CA ASP B 135 11.66 14.58 24.18
C ASP B 135 11.86 13.61 22.99
N TYR B 136 10.77 12.99 22.53
CA TYR B 136 10.85 11.94 21.47
C TYR B 136 11.67 12.43 20.26
N LEU B 137 11.39 13.64 19.74
CA LEU B 137 12.03 14.09 18.48
C LEU B 137 13.54 14.24 18.67
N GLN B 138 14.01 14.37 19.90
CA GLN B 138 15.49 14.43 20.18
C GLN B 138 16.05 13.02 20.43
N THR B 139 15.26 12.06 20.93
CA THR B 139 15.77 10.74 21.43
C THR B 139 15.38 9.59 20.48
N ALA B 140 14.54 9.84 19.48
CA ALA B 140 14.00 8.75 18.63
C ALA B 140 15.13 8.04 17.88
N ASP B 141 15.98 8.81 17.19
CA ASP B 141 16.93 8.25 16.17
C ASP B 141 17.81 7.20 16.88
N GLU B 142 18.24 7.48 18.11
CA GLU B 142 19.23 6.66 18.87
C GLU B 142 18.71 5.23 19.02
N GLN B 143 17.37 5.02 19.14
CA GLN B 143 16.76 3.69 19.44
C GLN B 143 16.22 2.99 18.17
N ILE B 144 16.49 3.53 16.99
CA ILE B 144 16.04 2.90 15.72
C ILE B 144 17.18 2.02 15.20
N CYS B 145 16.84 0.82 14.80
CA CYS B 145 17.81 -0.19 14.31
C CYS B 145 17.44 -0.56 12.87
N LEU B 146 18.38 -0.44 11.95
CA LEU B 146 18.16 -0.79 10.53
C LEU B 146 18.90 -2.08 10.17
N LEU B 147 18.16 -3.08 9.72
CA LEU B 147 18.71 -4.35 9.22
C LEU B 147 18.36 -4.41 7.73
N VAL B 148 19.29 -4.87 6.91
CA VAL B 148 19.01 -5.03 5.45
C VAL B 148 19.25 -6.49 5.06
N GLN B 149 18.50 -6.97 4.08
CA GLN B 149 18.65 -8.36 3.65
C GLN B 149 19.54 -8.40 2.41
N VAL B 150 20.53 -9.28 2.46
CA VAL B 150 21.26 -9.68 1.24
C VAL B 150 20.77 -11.07 0.84
N GLU B 151 20.15 -11.18 -0.33
CA GLU B 151 19.43 -12.43 -0.70
C GLU B 151 19.23 -12.51 -2.21
N SER B 152 20.13 -11.92 -2.98
CA SER B 152 20.18 -11.95 -4.46
C SER B 152 21.64 -11.92 -4.91
N LYS B 153 21.89 -12.25 -6.17
CA LYS B 153 23.26 -12.14 -6.71
C LYS B 153 23.69 -10.68 -6.68
N LYS B 154 22.79 -9.75 -7.02
CA LYS B 154 23.17 -8.32 -7.00
C LYS B 154 23.54 -7.89 -5.57
N GLY B 155 22.79 -8.33 -4.57
CA GLY B 155 23.18 -8.03 -3.18
C GLY B 155 24.57 -8.56 -2.89
N LEU B 156 24.88 -9.80 -3.28
CA LEU B 156 26.23 -10.37 -3.06
C LEU B 156 27.28 -9.58 -3.86
N ASP B 157 26.90 -9.08 -5.03
CA ASP B 157 27.80 -8.30 -5.91
C ASP B 157 28.11 -6.93 -5.29
N ASN B 158 27.34 -6.51 -4.27
CA ASN B 158 27.47 -5.18 -3.64
C ASN B 158 27.68 -5.36 -2.15
N LEU B 159 28.03 -6.56 -1.71
CA LEU B 159 28.13 -6.85 -0.25
C LEU B 159 29.15 -5.92 0.42
N ASP B 160 30.37 -5.79 -0.13
CA ASP B 160 31.43 -5.01 0.52
C ASP B 160 30.98 -3.55 0.59
N GLU B 161 30.27 -3.07 -0.42
CA GLU B 161 29.79 -1.66 -0.50
C GLU B 161 28.67 -1.48 0.53
N ILE B 162 27.74 -2.42 0.66
CA ILE B 162 26.66 -2.32 1.68
C ILE B 162 27.29 -2.34 3.09
N LEU B 163 28.31 -3.16 3.32
CA LEU B 163 28.97 -3.28 4.63
C LEU B 163 29.73 -2.03 5.02
N ASN B 164 30.04 -1.15 4.08
CA ASN B 164 30.67 0.16 4.42
C ASN B 164 29.62 1.25 4.68
N VAL B 165 28.31 0.94 4.67
CA VAL B 165 27.27 1.99 4.91
C VAL B 165 27.11 2.18 6.42
N ASP B 166 27.41 3.38 6.88
CA ASP B 166 27.17 3.78 8.28
C ASP B 166 25.66 3.89 8.43
N GLY B 167 25.15 3.20 9.41
CA GLY B 167 23.73 3.24 9.75
C GLY B 167 23.12 1.90 9.44
N VAL B 168 23.81 1.04 8.69
CA VAL B 168 23.33 -0.36 8.52
C VAL B 168 23.80 -1.10 9.76
N ASP B 169 22.89 -1.51 10.66
CA ASP B 169 23.31 -2.14 11.94
C ASP B 169 23.56 -3.63 11.73
N GLY B 170 22.88 -4.22 10.76
CA GLY B 170 22.98 -5.68 10.57
C GLY B 170 22.63 -6.05 9.14
N ILE B 171 23.23 -7.11 8.65
CA ILE B 171 22.87 -7.70 7.34
C ILE B 171 22.35 -9.10 7.62
N PHE B 172 21.16 -9.37 7.11
CA PHE B 172 20.45 -10.64 7.32
C PHE B 172 20.46 -11.37 5.98
N ILE B 173 20.83 -12.64 5.99
CA ILE B 173 20.83 -13.50 4.78
C ILE B 173 19.47 -14.22 4.67
N GLY B 174 18.84 -14.11 3.51
CA GLY B 174 17.58 -14.82 3.20
C GLY B 174 17.86 -16.08 2.41
N PRO B 175 17.93 -17.27 3.03
CA PRO B 175 18.29 -18.47 2.27
C PRO B 175 17.29 -18.89 1.17
N ALA B 176 16.00 -18.61 1.31
CA ALA B 176 15.01 -18.98 0.27
C ALA B 176 15.24 -18.14 -0.99
N ASP B 177 15.23 -16.82 -0.85
CA ASP B 177 15.46 -15.88 -1.97
C ASP B 177 16.87 -16.14 -2.52
N LEU B 178 17.85 -16.39 -1.67
CA LEU B 178 19.26 -16.47 -2.16
C LEU B 178 19.43 -17.79 -2.94
N SER B 179 18.93 -18.91 -2.44
CA SER B 179 19.09 -20.22 -3.12
C SER B 179 18.35 -20.17 -4.46
N ALA B 180 17.19 -19.50 -4.52
CA ALA B 180 16.42 -19.35 -5.77
C ALA B 180 17.26 -18.50 -6.74
N ALA B 181 17.80 -17.38 -6.29
CA ALA B 181 18.61 -16.47 -7.14
C ALA B 181 19.79 -17.26 -7.72
N LEU B 182 20.37 -18.18 -6.95
CA LEU B 182 21.55 -18.97 -7.36
C LEU B 182 21.15 -20.18 -8.25
N GLY B 183 19.87 -20.40 -8.54
CA GLY B 183 19.43 -21.51 -9.43
C GLY B 183 19.29 -22.81 -8.67
N TYR B 184 19.16 -22.73 -7.34
CA TYR B 184 18.92 -23.85 -6.42
C TYR B 184 17.63 -23.60 -5.62
N ARG B 185 16.59 -23.16 -6.30
CA ARG B 185 15.28 -22.85 -5.67
C ARG B 185 14.78 -24.09 -4.91
N GLY B 186 14.48 -23.90 -3.63
CA GLY B 186 14.00 -24.97 -2.74
C GLY B 186 15.11 -25.87 -2.21
N ASN B 187 16.39 -25.53 -2.47
CA ASN B 187 17.55 -26.38 -2.10
C ASN B 187 18.68 -25.55 -1.50
N PRO B 188 18.36 -24.69 -0.49
CA PRO B 188 19.37 -23.89 0.18
C PRO B 188 20.42 -24.74 0.92
N GLY B 189 20.05 -25.96 1.31
CA GLY B 189 20.95 -26.90 2.01
C GLY B 189 22.13 -27.37 1.17
N HIS B 190 22.12 -27.19 -0.15
CA HIS B 190 23.25 -27.55 -1.05
C HIS B 190 24.53 -26.79 -0.65
N GLU B 191 25.66 -27.49 -0.71
CA GLU B 191 26.99 -27.00 -0.35
C GLU B 191 27.29 -25.71 -1.12
N PHE B 192 26.95 -25.62 -2.40
CA PHE B 192 27.19 -24.41 -3.22
C PHE B 192 26.57 -23.20 -2.53
N VAL B 193 25.32 -23.34 -2.07
CA VAL B 193 24.63 -22.22 -1.37
C VAL B 193 25.21 -22.03 0.03
N GLN B 194 25.40 -23.11 0.81
CA GLN B 194 25.88 -23.00 2.21
C GLN B 194 27.28 -22.39 2.25
N ASN B 195 28.16 -22.74 1.30
CA ASN B 195 29.53 -22.15 1.32
C ASN B 195 29.42 -20.63 1.13
N ILE B 196 28.54 -20.17 0.27
CA ILE B 196 28.32 -18.70 0.05
C ILE B 196 27.76 -18.06 1.33
N ILE B 197 26.79 -18.71 1.98
CA ILE B 197 26.18 -18.20 3.24
C ILE B 197 27.25 -18.07 4.32
N VAL B 198 28.09 -19.09 4.50
CA VAL B 198 29.14 -19.06 5.57
C VAL B 198 30.13 -17.94 5.27
N GLN B 199 30.61 -17.82 4.03
CA GLN B 199 31.57 -16.76 3.61
C GLN B 199 30.94 -15.39 3.87
N THR B 200 29.64 -15.24 3.55
CA THR B 200 28.89 -13.97 3.69
C THR B 200 28.79 -13.62 5.17
N ILE B 201 28.45 -14.57 6.03
CA ILE B 201 28.41 -14.31 7.50
C ILE B 201 29.80 -13.81 7.94
N GLN B 202 30.86 -14.51 7.53
CA GLN B 202 32.24 -14.18 7.97
C GLN B 202 32.60 -12.75 7.52
N LYS B 203 32.21 -12.35 6.31
CA LYS B 203 32.51 -11.00 5.79
C LYS B 203 31.70 -9.95 6.55
N ILE B 204 30.42 -10.24 6.82
CA ILE B 204 29.56 -9.29 7.58
C ILE B 204 30.24 -9.01 8.93
N ARG B 205 30.61 -10.05 9.65
CA ARG B 205 31.16 -9.87 11.02
C ARG B 205 32.55 -9.22 10.93
N ALA B 206 33.34 -9.52 9.91
CA ALA B 206 34.70 -8.92 9.75
C ALA B 206 34.57 -7.41 9.53
N ALA B 207 33.47 -6.94 8.94
CA ALA B 207 33.24 -5.50 8.71
C ALA B 207 32.63 -4.83 9.95
N GLY B 208 32.46 -5.57 11.05
CA GLY B 208 31.94 -5.03 12.33
C GLY B 208 30.43 -4.81 12.31
N LYS B 209 29.69 -5.45 11.40
CA LYS B 209 28.21 -5.38 11.40
C LYS B 209 27.70 -6.67 12.02
N ALA B 210 26.47 -6.66 12.54
CA ALA B 210 25.79 -7.88 13.00
C ALA B 210 25.32 -8.69 11.78
N ALA B 211 25.46 -10.00 11.84
CA ALA B 211 24.97 -10.95 10.83
C ALA B 211 23.72 -11.62 11.37
N GLY B 212 22.78 -11.90 10.49
CA GLY B 212 21.54 -12.60 10.84
C GLY B 212 21.12 -13.56 9.77
N ILE B 213 20.23 -14.46 10.12
CA ILE B 213 19.73 -15.49 9.18
C ILE B 213 18.51 -16.13 9.82
N LEU B 214 17.71 -16.77 9.01
CA LEU B 214 16.60 -17.67 9.42
C LEU B 214 16.93 -19.07 8.92
N SER B 215 16.83 -20.06 9.79
CA SER B 215 16.79 -21.48 9.37
C SER B 215 15.94 -22.26 10.36
N ALA B 216 14.96 -22.97 9.83
CA ALA B 216 14.14 -23.92 10.59
C ALA B 216 14.87 -25.24 10.74
N ASP B 217 16.06 -25.37 10.15
CA ASP B 217 16.88 -26.61 10.28
C ASP B 217 17.74 -26.45 11.53
N GLU B 218 17.53 -27.29 12.54
CA GLU B 218 18.22 -27.10 13.85
C GLU B 218 19.75 -27.18 13.65
N LYS B 219 20.22 -28.14 12.86
CA LYS B 219 21.69 -28.31 12.65
C LYS B 219 22.27 -27.04 12.00
N LEU B 220 21.63 -26.52 10.96
CA LEU B 220 22.15 -25.31 10.27
C LEU B 220 22.11 -24.13 11.25
N ALA B 221 20.99 -23.93 11.96
CA ALA B 221 20.86 -22.81 12.91
C ALA B 221 21.98 -22.90 13.97
N LYS B 222 22.22 -24.08 14.53
CA LYS B 222 23.32 -24.26 15.50
C LYS B 222 24.68 -23.96 14.85
N GLN B 223 24.90 -24.36 13.59
CA GLN B 223 26.18 -24.06 12.89
C GLN B 223 26.31 -22.54 12.77
N TYR B 224 25.23 -21.84 12.42
CA TYR B 224 25.30 -20.37 12.22
C TYR B 224 25.61 -19.73 13.57
N LEU B 225 25.03 -20.24 14.65
CA LEU B 225 25.30 -19.71 16.01
C LEU B 225 26.78 -19.98 16.37
N GLU B 226 27.33 -21.14 16.03
CA GLU B 226 28.77 -21.46 16.32
C GLU B 226 29.68 -20.47 15.59
N LEU B 227 29.26 -19.98 14.42
CA LEU B 227 30.05 -19.03 13.61
C LEU B 227 29.97 -17.61 14.19
N GLY B 228 29.15 -17.37 15.23
CA GLY B 228 29.07 -16.05 15.89
C GLY B 228 27.89 -15.22 15.41
N THR B 229 27.03 -15.78 14.56
CA THR B 229 25.92 -15.01 13.94
C THR B 229 25.09 -14.37 15.07
N GLU B 230 24.85 -13.08 14.99
CA GLU B 230 24.31 -12.29 16.12
C GLU B 230 22.79 -12.45 16.26
N PHE B 231 22.04 -12.55 15.16
CA PHE B 231 20.56 -12.67 15.26
C PHE B 231 20.08 -13.80 14.36
N VAL B 232 19.65 -14.88 14.99
CA VAL B 232 19.30 -16.12 14.29
C VAL B 232 17.84 -16.45 14.59
N ALA B 233 17.01 -16.45 13.55
CA ALA B 233 15.61 -16.91 13.67
C ALA B 233 15.62 -18.41 13.42
N VAL B 234 14.93 -19.17 14.28
CA VAL B 234 15.09 -20.65 14.34
C VAL B 234 13.79 -21.34 13.94
N GLY B 235 12.75 -20.56 13.63
CA GLY B 235 11.49 -21.14 13.14
C GLY B 235 10.43 -20.10 12.80
N VAL B 236 9.29 -20.60 12.38
CA VAL B 236 8.19 -19.80 11.76
C VAL B 236 6.90 -20.32 12.38
N ASP B 237 6.07 -19.43 12.90
CA ASP B 237 4.81 -19.80 13.58
C ASP B 237 3.91 -20.61 12.63
N THR B 238 3.68 -20.20 11.38
CA THR B 238 2.79 -20.95 10.46
C THR B 238 3.32 -22.38 10.31
N SER B 239 4.62 -22.53 10.10
CA SER B 239 5.28 -23.86 9.92
C SER B 239 5.08 -24.73 11.16
N LEU B 240 5.32 -24.17 12.34
CA LEU B 240 5.23 -24.94 13.61
C LEU B 240 3.81 -25.36 13.88
N LEU B 241 2.84 -24.46 13.62
CA LEU B 241 1.41 -24.79 13.78
C LEU B 241 1.06 -25.97 12.85
N MET B 242 1.39 -25.85 11.55
CA MET B 242 1.06 -26.91 10.58
C MET B 242 1.76 -28.21 10.99
N LYS B 243 3.06 -28.19 11.30
CA LYS B 243 3.81 -29.45 11.55
C LYS B 243 3.30 -30.10 12.85
N SER B 244 3.05 -29.31 13.90
CA SER B 244 2.56 -29.85 15.19
C SER B 244 1.21 -30.56 14.97
N MET B 245 0.32 -29.98 14.15
CA MET B 245 -1.02 -30.55 13.93
C MET B 245 -0.89 -31.81 13.07
N LYS B 246 0.03 -31.81 12.10
CA LYS B 246 0.21 -32.99 11.23
C LYS B 246 0.81 -34.15 12.02
N GLN B 247 1.85 -33.88 12.80
CA GLN B 247 2.55 -34.90 13.64
C GLN B 247 1.56 -35.54 14.63
N LEU B 248 0.67 -34.76 15.22
CA LEU B 248 -0.37 -35.28 16.14
C LEU B 248 -1.33 -36.19 15.36
N LEU B 249 -1.84 -35.75 14.22
CA LEU B 249 -2.83 -36.56 13.47
C LEU B 249 -2.18 -37.90 13.08
N SER B 250 -0.90 -37.88 12.72
CA SER B 250 -0.15 -39.07 12.25
C SER B 250 -0.13 -40.15 13.33
N LYS B 251 -0.28 -39.82 14.61
CA LYS B 251 -0.34 -40.81 15.73
C LYS B 251 -1.66 -41.57 15.74
N PHE B 252 -2.70 -41.08 15.07
CA PHE B 252 -4.07 -41.65 15.08
C PHE B 252 -4.54 -42.04 13.68
N LYS B 253 -3.80 -41.61 12.64
CA LYS B 253 -4.22 -41.47 11.21
C LYS B 253 -5.74 -41.49 11.10
N MET C 1 -0.25 -32.80 -0.73
CA MET C 1 -1.26 -32.07 -1.55
C MET C 1 -0.59 -31.65 -2.88
N VAL C 2 -1.33 -31.67 -3.99
CA VAL C 2 -0.85 -31.19 -5.32
C VAL C 2 -1.29 -29.72 -5.48
N ASN C 3 -0.47 -28.90 -6.16
CA ASN C 3 -0.76 -27.47 -6.43
C ASN C 3 -2.17 -27.40 -7.05
N THR C 4 -2.93 -26.37 -6.68
CA THR C 4 -4.29 -26.07 -7.21
C THR C 4 -4.18 -25.83 -8.73
N VAL C 5 -4.91 -26.60 -9.54
CA VAL C 5 -4.78 -26.47 -11.01
C VAL C 5 -5.49 -25.16 -11.41
N ASN C 6 -4.84 -24.36 -12.26
CA ASN C 6 -5.46 -23.10 -12.74
C ASN C 6 -6.28 -23.43 -13.99
N TYR C 7 -7.56 -23.75 -13.78
CA TYR C 7 -8.51 -24.14 -14.84
C TYR C 7 -8.77 -22.91 -15.71
N PHE C 8 -8.80 -21.72 -15.14
CA PHE C 8 -9.02 -20.47 -15.92
C PHE C 8 -7.94 -20.42 -17.00
N LYS C 9 -6.68 -20.63 -16.61
CA LYS C 9 -5.54 -20.56 -17.54
C LYS C 9 -5.71 -21.61 -18.66
N GLN C 10 -6.04 -22.84 -18.31
CA GLN C 10 -6.21 -23.93 -19.32
C GLN C 10 -7.34 -23.56 -20.29
N LYS C 11 -8.44 -23.04 -19.76
CA LYS C 11 -9.68 -22.79 -20.53
C LYS C 11 -9.49 -21.59 -21.46
N LEU C 12 -8.43 -20.80 -21.30
CA LEU C 12 -8.12 -19.71 -22.25
C LEU C 12 -7.95 -20.29 -23.67
N LYS C 13 -7.61 -21.58 -23.79
CA LYS C 13 -7.32 -22.21 -25.09
C LYS C 13 -8.46 -23.13 -25.52
N THR C 14 -9.48 -23.37 -24.71
CA THR C 14 -10.50 -24.43 -25.00
C THR C 14 -11.94 -23.92 -24.96
N GLU C 15 -12.24 -22.76 -24.38
CA GLU C 15 -13.65 -22.31 -24.29
C GLU C 15 -13.69 -20.81 -24.05
N GLN C 16 -14.90 -20.26 -24.02
CA GLN C 16 -15.16 -18.83 -23.72
C GLN C 16 -15.69 -18.76 -22.29
N GLN C 17 -14.98 -18.07 -21.40
CA GLN C 17 -15.28 -18.07 -19.95
C GLN C 17 -16.05 -16.79 -19.60
N ILE C 18 -17.17 -16.96 -18.93
CA ILE C 18 -18.11 -15.86 -18.55
C ILE C 18 -17.78 -15.42 -17.11
N GLY C 19 -17.59 -14.11 -16.94
CA GLY C 19 -17.09 -13.53 -15.68
C GLY C 19 -18.04 -12.59 -15.03
N MET C 20 -17.87 -12.45 -13.71
CA MET C 20 -18.60 -11.46 -12.89
C MET C 20 -17.56 -10.63 -12.14
N TRP C 21 -17.70 -9.30 -12.18
CA TRP C 21 -16.81 -8.38 -11.43
C TRP C 21 -17.24 -8.38 -9.96
N VAL C 22 -16.31 -8.55 -9.04
CA VAL C 22 -16.63 -8.57 -7.59
C VAL C 22 -15.99 -7.35 -6.94
N GLY C 23 -16.78 -6.30 -6.69
CA GLY C 23 -16.27 -5.08 -6.05
C GLY C 23 -16.98 -4.77 -4.76
N LEU C 24 -17.74 -5.71 -4.20
CA LEU C 24 -18.40 -5.45 -2.89
C LEU C 24 -17.40 -5.62 -1.74
N ALA C 25 -16.18 -6.10 -1.99
CA ALA C 25 -14.99 -5.92 -1.12
C ALA C 25 -15.19 -6.65 0.22
N ASP C 26 -15.77 -7.85 0.17
CA ASP C 26 -16.22 -8.51 1.41
C ASP C 26 -16.30 -10.03 1.18
N GLY C 27 -15.82 -10.85 2.11
CA GLY C 27 -15.85 -12.32 1.99
C GLY C 27 -17.26 -12.87 1.85
N TYR C 28 -18.23 -12.27 2.53
CA TYR C 28 -19.63 -12.72 2.53
C TYR C 28 -20.25 -12.47 1.17
N CYS C 29 -20.10 -11.25 0.62
CA CYS C 29 -20.58 -10.92 -0.74
C CYS C 29 -19.89 -11.77 -1.82
N ALA C 30 -18.59 -11.99 -1.70
CA ALA C 30 -17.85 -12.80 -2.68
C ALA C 30 -18.43 -14.23 -2.68
N GLU C 31 -18.79 -14.76 -1.51
CA GLU C 31 -19.35 -16.13 -1.45
C GLU C 31 -20.69 -16.16 -2.20
N ILE C 32 -21.51 -15.13 -2.06
CA ILE C 32 -22.82 -15.10 -2.75
C ILE C 32 -22.54 -15.21 -4.24
N ALA C 33 -21.59 -14.42 -4.76
CA ALA C 33 -21.25 -14.46 -6.19
C ALA C 33 -20.74 -15.85 -6.58
N ALA C 34 -19.92 -16.46 -5.72
CA ALA C 34 -19.30 -17.79 -5.98
C ALA C 34 -20.37 -18.88 -6.19
N ASN C 35 -21.57 -18.72 -5.63
CA ASN C 35 -22.65 -19.73 -5.70
C ASN C 35 -23.37 -19.68 -7.05
N VAL C 36 -23.20 -18.63 -7.86
CA VAL C 36 -24.03 -18.43 -9.06
C VAL C 36 -23.60 -19.37 -10.20
N GLY C 37 -22.30 -19.59 -10.41
CA GLY C 37 -21.80 -20.49 -11.47
C GLY C 37 -21.02 -19.77 -12.56
N TYR C 38 -20.55 -18.54 -12.33
CA TYR C 38 -19.64 -17.85 -13.26
C TYR C 38 -18.37 -18.69 -13.43
N ASP C 39 -17.78 -18.64 -14.62
CA ASP C 39 -16.50 -19.32 -14.93
C ASP C 39 -15.39 -18.63 -14.15
N TRP C 40 -15.47 -17.32 -14.00
CA TRP C 40 -14.44 -16.56 -13.25
C TRP C 40 -15.07 -15.39 -12.51
N LEU C 41 -14.44 -15.02 -11.42
CA LEU C 41 -14.83 -13.87 -10.57
C LEU C 41 -13.60 -12.96 -10.50
N LEU C 42 -13.78 -11.67 -10.75
CA LEU C 42 -12.68 -10.68 -10.72
C LEU C 42 -12.77 -9.93 -9.38
N ILE C 43 -11.84 -10.20 -8.49
CA ILE C 43 -11.72 -9.51 -7.18
C ILE C 43 -10.94 -8.23 -7.47
N ASP C 44 -11.64 -7.10 -7.40
CA ASP C 44 -11.08 -5.83 -7.90
C ASP C 44 -10.32 -5.08 -6.80
N GLY C 45 -8.99 -5.08 -6.86
CA GLY C 45 -8.13 -4.33 -5.94
C GLY C 45 -7.78 -2.97 -6.51
N GLU C 46 -8.31 -2.58 -7.67
CA GLU C 46 -8.04 -1.28 -8.32
C GLU C 46 -9.18 -0.29 -8.04
N HIS C 47 -10.43 -0.70 -8.25
CA HIS C 47 -11.60 0.22 -8.24
C HIS C 47 -12.61 -0.13 -7.16
N ALA C 48 -12.32 -1.13 -6.33
CA ALA C 48 -13.11 -1.41 -5.11
C ALA C 48 -12.20 -1.30 -3.89
N PRO C 49 -12.76 -0.98 -2.70
CA PRO C 49 -11.95 -0.68 -1.53
C PRO C 49 -11.46 -1.99 -0.89
N ASN C 50 -10.45 -2.58 -1.54
CA ASN C 50 -9.85 -3.87 -1.16
C ASN C 50 -8.39 -3.64 -0.79
N ASP C 51 -7.85 -4.54 0.03
CA ASP C 51 -6.40 -4.59 0.33
C ASP C 51 -6.02 -6.07 0.39
N VAL C 52 -4.75 -6.38 0.62
CA VAL C 52 -4.30 -7.80 0.63
C VAL C 52 -5.22 -8.57 1.58
N ARG C 53 -5.50 -8.06 2.77
CA ARG C 53 -6.26 -8.86 3.76
C ARG C 53 -7.71 -9.07 3.31
N SER C 54 -8.38 -8.08 2.74
CA SER C 54 -9.79 -8.29 2.30
C SER C 54 -9.81 -9.20 1.06
N ILE C 55 -8.78 -9.15 0.22
CA ILE C 55 -8.69 -10.05 -0.97
C ILE C 55 -8.51 -11.49 -0.50
N LEU C 56 -7.62 -11.73 0.47
CA LEU C 56 -7.46 -13.05 1.11
C LEU C 56 -8.82 -13.59 1.57
N ALA C 57 -9.60 -12.79 2.32
CA ALA C 57 -10.91 -13.25 2.84
C ALA C 57 -11.79 -13.72 1.66
N GLN C 58 -11.74 -13.02 0.55
CA GLN C 58 -12.61 -13.34 -0.60
C GLN C 58 -12.07 -14.59 -1.30
N LEU C 59 -10.75 -14.76 -1.42
CA LEU C 59 -10.14 -16.01 -1.98
C LEU C 59 -10.59 -17.19 -1.12
N GLN C 60 -10.62 -17.04 0.20
CA GLN C 60 -10.99 -18.13 1.11
C GLN C 60 -12.47 -18.50 0.93
N SER C 61 -13.35 -17.51 0.76
CA SER C 61 -14.80 -17.71 0.54
C SER C 61 -15.05 -18.48 -0.75
N ILE C 62 -14.46 -17.99 -1.83
CA ILE C 62 -14.65 -18.48 -3.22
C ILE C 62 -14.06 -19.88 -3.39
N ALA C 63 -13.03 -20.23 -2.60
CA ALA C 63 -12.19 -21.44 -2.81
C ALA C 63 -13.03 -22.71 -2.73
N ALA C 64 -14.17 -22.70 -2.06
CA ALA C 64 -15.02 -23.90 -1.90
C ALA C 64 -15.86 -24.14 -3.17
N TYR C 65 -15.76 -23.26 -4.16
CA TYR C 65 -16.69 -23.22 -5.32
C TYR C 65 -15.88 -23.37 -6.60
N PRO C 66 -16.48 -23.87 -7.69
CA PRO C 66 -15.74 -24.05 -8.94
C PRO C 66 -15.31 -22.75 -9.65
N SER C 67 -15.96 -21.62 -9.39
CA SER C 67 -15.60 -20.31 -10.02
C SER C 67 -14.11 -20.04 -9.80
N GLN C 68 -13.40 -19.66 -10.85
CA GLN C 68 -11.95 -19.35 -10.76
C GLN C 68 -11.76 -17.90 -10.36
N ALA C 69 -10.88 -17.65 -9.40
CA ALA C 69 -10.62 -16.25 -8.94
C ALA C 69 -9.52 -15.64 -9.79
N VAL C 70 -9.77 -14.40 -10.19
CA VAL C 70 -8.79 -13.51 -10.87
C VAL C 70 -8.71 -12.26 -10.00
N VAL C 71 -7.51 -11.79 -9.71
CA VAL C 71 -7.34 -10.61 -8.84
C VAL C 71 -6.73 -9.46 -9.66
N ARG C 72 -7.31 -8.27 -9.55
CA ARG C 72 -6.73 -7.07 -10.16
C ARG C 72 -6.05 -6.24 -9.08
N PRO C 73 -4.74 -6.11 -9.11
CA PRO C 73 -4.07 -5.16 -8.21
C PRO C 73 -4.29 -3.71 -8.66
N VAL C 74 -4.09 -2.78 -7.73
CA VAL C 74 -4.30 -1.32 -7.99
C VAL C 74 -3.37 -0.82 -9.10
N SER C 75 -2.20 -1.42 -9.28
CA SER C 75 -1.25 -1.09 -10.38
C SER C 75 -0.28 -2.26 -10.56
N GLY C 76 0.58 -2.18 -11.57
CA GLY C 76 1.61 -3.20 -11.83
C GLY C 76 2.80 -3.04 -10.90
N ASP C 77 2.55 -3.15 -9.61
CA ASP C 77 3.53 -2.92 -8.52
C ASP C 77 4.12 -4.26 -8.15
N VAL C 78 5.44 -4.43 -8.28
CA VAL C 78 6.06 -5.78 -8.18
C VAL C 78 5.83 -6.32 -6.76
N PRO C 79 6.09 -5.55 -5.67
CA PRO C 79 5.89 -6.08 -4.32
C PRO C 79 4.45 -6.46 -3.99
N LEU C 80 3.48 -5.67 -4.46
CA LEU C 80 2.04 -6.01 -4.29
C LEU C 80 1.70 -7.29 -5.07
N ILE C 81 2.25 -7.46 -6.27
CA ILE C 81 2.06 -8.71 -7.05
C ILE C 81 2.59 -9.89 -6.21
N LYS C 82 3.77 -9.74 -5.61
CA LYS C 82 4.33 -10.78 -4.70
C LYS C 82 3.31 -11.10 -3.60
N GLN C 83 2.75 -10.09 -2.95
CA GLN C 83 1.82 -10.32 -1.82
C GLN C 83 0.58 -11.07 -2.31
N LEU C 84 0.03 -10.70 -3.45
CA LEU C 84 -1.22 -11.32 -3.97
C LEU C 84 -0.96 -12.76 -4.38
N LEU C 85 0.20 -13.06 -4.96
CA LEU C 85 0.54 -14.46 -5.33
C LEU C 85 0.65 -15.32 -4.05
N ASP C 86 1.25 -14.79 -2.98
CA ASP C 86 1.51 -15.61 -1.77
C ASP C 86 0.20 -15.91 -1.03
N ILE C 87 -0.82 -15.04 -1.09
CA ILE C 87 -2.13 -15.34 -0.46
C ILE C 87 -2.90 -16.31 -1.37
N GLY C 88 -2.40 -16.58 -2.56
CA GLY C 88 -2.85 -17.72 -3.39
C GLY C 88 -3.64 -17.32 -4.62
N ALA C 89 -3.66 -16.04 -5.01
CA ALA C 89 -4.22 -15.63 -6.33
C ALA C 89 -3.40 -16.28 -7.44
N GLN C 90 -4.03 -17.04 -8.31
CA GLN C 90 -3.25 -17.71 -9.38
C GLN C 90 -3.37 -17.00 -10.72
N THR C 91 -4.33 -16.09 -10.87
CA THR C 91 -4.48 -15.30 -12.11
C THR C 91 -4.55 -13.83 -11.71
N LEU C 92 -3.72 -12.99 -12.32
CA LEU C 92 -3.66 -11.54 -12.05
C LEU C 92 -4.06 -10.78 -13.31
N LEU C 93 -4.78 -9.69 -13.12
CA LEU C 93 -5.15 -8.76 -14.21
C LEU C 93 -4.49 -7.42 -13.92
N ILE C 94 -3.47 -7.03 -14.69
CA ILE C 94 -2.66 -5.83 -14.40
C ILE C 94 -3.27 -4.67 -15.18
N PRO C 95 -3.73 -3.59 -14.51
CA PRO C 95 -4.29 -2.47 -15.24
C PRO C 95 -3.21 -1.62 -15.94
N MET C 96 -3.65 -0.92 -16.99
CA MET C 96 -2.93 0.23 -17.60
C MET C 96 -1.52 -0.20 -18.02
N VAL C 97 -1.42 -1.33 -18.71
CA VAL C 97 -0.12 -1.78 -19.25
C VAL C 97 0.12 -1.08 -20.59
N GLU C 98 1.30 -0.49 -20.77
CA GLU C 98 1.51 0.50 -21.85
C GLU C 98 2.79 0.23 -22.63
N SER C 99 3.54 -0.84 -22.36
CA SER C 99 4.77 -1.14 -23.15
C SER C 99 5.12 -2.63 -22.99
N ALA C 100 5.88 -3.15 -23.95
CA ALA C 100 6.42 -4.53 -23.88
C ALA C 100 7.36 -4.61 -22.67
N GLU C 101 8.10 -3.54 -22.38
CA GLU C 101 9.06 -3.53 -21.23
C GLU C 101 8.26 -3.73 -19.93
N GLN C 102 7.13 -3.03 -19.78
CA GLN C 102 6.28 -3.16 -18.57
C GLN C 102 5.67 -4.56 -18.55
N ALA C 103 5.16 -5.05 -19.66
CA ALA C 103 4.59 -6.41 -19.72
C ALA C 103 5.65 -7.45 -19.33
N GLU C 104 6.89 -7.31 -19.81
CA GLU C 104 7.96 -8.30 -19.49
C GLU C 104 8.23 -8.27 -17.99
N LEU C 105 8.22 -7.09 -17.37
CA LEU C 105 8.45 -6.95 -15.92
C LEU C 105 7.31 -7.66 -15.16
N MET C 106 6.06 -7.53 -15.62
CA MET C 106 4.90 -8.21 -15.01
C MET C 106 5.08 -9.74 -15.14
N VAL C 107 5.56 -10.22 -16.29
CA VAL C 107 5.88 -11.68 -16.44
C VAL C 107 6.86 -12.09 -15.34
N LYS C 108 7.97 -11.36 -15.18
CA LYS C 108 9.03 -11.75 -14.21
C LYS C 108 8.46 -11.66 -12.80
N ALA C 109 7.61 -10.66 -12.55
CA ALA C 109 7.01 -10.42 -11.22
C ALA C 109 6.22 -11.64 -10.77
N THR C 110 5.71 -12.47 -11.72
CA THR C 110 4.85 -13.63 -11.43
C THR C 110 5.62 -14.97 -11.41
N ARG C 111 6.93 -14.94 -11.63
CA ARG C 111 7.75 -16.18 -11.71
C ARG C 111 8.91 -16.13 -10.72
N TYR C 112 9.18 -17.27 -10.13
CA TYR C 112 10.29 -17.39 -9.15
C TYR C 112 11.63 -17.20 -9.83
N PRO C 113 12.64 -16.72 -9.06
CA PRO C 113 14.02 -16.74 -9.51
C PRO C 113 14.42 -18.19 -9.73
N PRO C 114 15.42 -18.46 -10.61
CA PRO C 114 16.24 -17.42 -11.24
C PRO C 114 15.63 -16.79 -12.49
N GLU C 115 14.55 -17.33 -13.07
CA GLU C 115 13.99 -16.79 -14.35
C GLU C 115 13.17 -15.53 -14.08
N GLY C 116 12.54 -15.41 -12.91
CA GLY C 116 11.76 -14.20 -12.56
C GLY C 116 12.21 -13.54 -11.27
N ILE C 117 11.34 -12.69 -10.72
CA ILE C 117 11.71 -11.85 -9.54
C ILE C 117 10.65 -12.00 -8.44
N ARG C 118 9.76 -12.98 -8.52
CA ARG C 118 8.78 -13.24 -7.44
C ARG C 118 9.54 -13.60 -6.14
N GLY C 119 9.30 -12.85 -5.08
CA GLY C 119 9.92 -13.13 -3.79
C GLY C 119 9.51 -14.50 -3.29
N VAL C 120 10.45 -15.21 -2.67
CA VAL C 120 10.29 -16.61 -2.24
C VAL C 120 10.00 -16.63 -0.74
N GLY C 121 8.81 -17.06 -0.34
CA GLY C 121 8.46 -17.23 1.08
C GLY C 121 7.39 -18.29 1.26
N ALA C 122 7.64 -19.49 0.76
CA ALA C 122 6.64 -20.58 0.71
C ALA C 122 6.23 -21.04 2.13
N ALA C 123 7.08 -20.93 3.15
CA ALA C 123 6.71 -21.40 4.50
C ALA C 123 5.50 -20.60 5.00
N LEU C 124 5.34 -19.36 4.55
CA LEU C 124 4.35 -18.41 5.12
C LEU C 124 3.08 -18.31 4.24
N ALA C 125 3.12 -18.90 3.04
CA ALA C 125 2.15 -18.56 1.96
C ALA C 125 0.94 -19.50 2.00
N ARG C 126 -0.28 -18.96 1.95
CA ARG C 126 -1.45 -19.77 1.60
C ARG C 126 -1.25 -20.43 0.23
N ALA C 127 -0.54 -19.77 -0.69
CA ALA C 127 -0.32 -20.31 -2.05
C ALA C 127 0.25 -21.74 -1.98
N SER C 128 1.17 -22.01 -1.07
CA SER C 128 1.82 -23.33 -0.93
C SER C 128 1.07 -24.17 0.11
N ARG C 129 -0.05 -23.65 0.63
CA ARG C 129 -0.70 -24.14 1.88
C ARG C 129 0.38 -24.37 2.95
N TRP C 130 1.24 -23.37 3.18
CA TRP C 130 2.28 -23.37 4.25
C TRP C 130 3.16 -24.61 4.11
N ASN C 131 3.51 -24.90 2.86
CA ASN C 131 4.34 -26.05 2.39
C ASN C 131 3.62 -27.38 2.54
N ASN C 132 2.30 -27.37 2.76
CA ASN C 132 1.55 -28.66 2.71
C ASN C 132 1.47 -29.11 1.25
N ILE C 133 1.60 -28.19 0.29
CA ILE C 133 1.90 -28.54 -1.14
C ILE C 133 3.42 -28.73 -1.19
N SER C 134 3.92 -29.97 -1.04
CA SER C 134 5.36 -30.24 -0.75
C SER C 134 6.28 -29.80 -1.91
N ASP C 135 5.81 -29.81 -3.15
CA ASP C 135 6.68 -29.50 -4.33
C ASP C 135 6.28 -28.12 -4.91
N TYR C 136 5.65 -27.27 -4.11
CA TYR C 136 5.10 -25.96 -4.57
C TYR C 136 6.17 -25.18 -5.35
N LEU C 137 7.39 -25.04 -4.81
CA LEU C 137 8.42 -24.17 -5.45
C LEU C 137 8.81 -24.71 -6.84
N GLN C 138 8.59 -25.99 -7.11
CA GLN C 138 8.83 -26.58 -8.46
C GLN C 138 7.58 -26.45 -9.36
N THR C 139 6.36 -26.41 -8.82
CA THR C 139 5.09 -26.56 -9.60
C THR C 139 4.31 -25.22 -9.68
N ALA C 140 4.71 -24.21 -8.92
CA ALA C 140 3.94 -22.94 -8.80
C ALA C 140 3.84 -22.23 -10.16
N ASP C 141 4.97 -22.02 -10.85
CA ASP C 141 5.04 -21.12 -12.03
C ASP C 141 4.00 -21.61 -13.07
N GLU C 142 3.86 -22.93 -13.24
CA GLU C 142 3.04 -23.58 -14.30
C GLU C 142 1.58 -23.12 -14.16
N GLN C 143 1.07 -22.88 -12.94
CA GLN C 143 -0.36 -22.59 -12.69
C GLN C 143 -0.61 -21.08 -12.51
N ILE C 144 0.35 -20.22 -12.75
CA ILE C 144 0.17 -18.75 -12.66
C ILE C 144 -0.20 -18.24 -14.07
N CYS C 145 -1.20 -17.37 -14.13
CA CYS C 145 -1.75 -16.81 -15.37
C CYS C 145 -1.63 -15.30 -15.30
N LEU C 146 -0.98 -14.68 -16.27
CA LEU C 146 -0.81 -13.21 -16.32
C LEU C 146 -1.66 -12.63 -17.44
N LEU C 147 -2.55 -11.71 -17.05
CA LEU C 147 -3.41 -10.95 -17.96
C LEU C 147 -2.99 -9.48 -17.81
N VAL C 148 -2.89 -8.77 -18.92
CA VAL C 148 -2.57 -7.32 -18.86
C VAL C 148 -3.70 -6.54 -19.54
N GLN C 149 -3.93 -5.33 -19.07
CA GLN C 149 -4.99 -4.49 -19.66
C GLN C 149 -4.37 -3.51 -20.64
N VAL C 150 -4.97 -3.49 -21.83
CA VAL C 150 -4.74 -2.36 -22.78
C VAL C 150 -5.94 -1.45 -22.74
N GLU C 151 -5.74 -0.20 -22.31
CA GLU C 151 -6.88 0.71 -22.01
C GLU C 151 -6.44 2.17 -22.02
N SER C 152 -5.43 2.48 -22.82
CA SER C 152 -4.91 3.85 -23.05
C SER C 152 -4.40 3.96 -24.50
N LYS C 153 -4.20 5.18 -24.98
CA LYS C 153 -3.58 5.37 -26.32
C LYS C 153 -2.18 4.76 -26.33
N LYS C 154 -1.39 4.95 -25.27
CA LYS C 154 -0.02 4.41 -25.24
C LYS C 154 -0.08 2.88 -25.29
N GLY C 155 -1.03 2.25 -24.58
CA GLY C 155 -1.26 0.81 -24.70
C GLY C 155 -1.54 0.42 -26.14
N LEU C 156 -2.44 1.12 -26.82
CA LEU C 156 -2.74 0.79 -28.23
C LEU C 156 -1.49 1.03 -29.11
N ASP C 157 -0.68 2.01 -28.76
CA ASP C 157 0.54 2.39 -29.51
C ASP C 157 1.61 1.31 -29.35
N ASN C 158 1.46 0.40 -28.37
CA ASN C 158 2.45 -0.64 -28.06
C ASN C 158 1.79 -2.02 -28.15
N LEU C 159 0.62 -2.11 -28.76
CA LEU C 159 -0.18 -3.36 -28.78
C LEU C 159 0.62 -4.51 -29.40
N ASP C 160 1.21 -4.29 -30.59
CA ASP C 160 1.90 -5.39 -31.31
C ASP C 160 3.10 -5.84 -30.47
N GLU C 161 3.76 -4.91 -29.79
CA GLU C 161 4.96 -5.19 -28.97
C GLU C 161 4.50 -5.96 -27.72
N ILE C 162 3.42 -5.56 -27.08
CA ILE C 162 2.88 -6.31 -25.91
C ILE C 162 2.50 -7.74 -26.35
N LEU C 163 1.88 -7.89 -27.51
CA LEU C 163 1.39 -9.20 -28.00
C LEU C 163 2.54 -10.13 -28.33
N ASN C 164 3.76 -9.62 -28.46
CA ASN C 164 4.93 -10.49 -28.70
C ASN C 164 5.62 -10.87 -27.39
N VAL C 165 5.05 -10.51 -26.22
CA VAL C 165 5.71 -10.84 -24.92
C VAL C 165 5.30 -12.27 -24.53
N ASP C 166 6.27 -13.16 -24.47
CA ASP C 166 6.04 -14.53 -23.96
C ASP C 166 5.80 -14.36 -22.46
N GLY C 167 4.71 -14.96 -22.02
CA GLY C 167 4.32 -14.96 -20.62
C GLY C 167 3.10 -14.11 -20.44
N VAL C 168 2.75 -13.27 -21.41
CA VAL C 168 1.44 -12.58 -21.36
C VAL C 168 0.41 -13.59 -21.86
N ASP C 169 -0.46 -14.09 -21.00
CA ASP C 169 -1.42 -15.14 -21.42
C ASP C 169 -2.63 -14.49 -22.08
N GLY C 170 -2.98 -13.28 -21.68
CA GLY C 170 -4.18 -12.63 -22.22
C GLY C 170 -4.06 -11.14 -22.18
N ILE C 171 -4.74 -10.47 -23.10
CA ILE C 171 -4.89 -9.00 -23.08
C ILE C 171 -6.37 -8.67 -22.93
N PHE C 172 -6.68 -7.89 -21.92
CA PHE C 172 -8.06 -7.49 -21.56
C PHE C 172 -8.19 -6.01 -21.92
N ILE C 173 -9.26 -5.66 -22.60
CA ILE C 173 -9.60 -4.25 -22.99
C ILE C 173 -10.49 -3.63 -21.93
N GLY C 174 -10.11 -2.47 -21.43
CA GLY C 174 -10.89 -1.72 -20.42
C GLY C 174 -11.69 -0.62 -21.10
N PRO C 175 -12.98 -0.81 -21.43
CA PRO C 175 -13.71 0.22 -22.19
C PRO C 175 -13.87 1.57 -21.50
N ALA C 176 -13.97 1.60 -20.17
CA ALA C 176 -14.11 2.87 -19.44
C ALA C 176 -12.85 3.72 -19.59
N ASP C 177 -11.70 3.14 -19.22
CA ASP C 177 -10.40 3.85 -19.29
C ASP C 177 -10.11 4.15 -20.77
N LEU C 178 -10.42 3.23 -21.68
CA LEU C 178 -10.04 3.42 -23.10
C LEU C 178 -10.89 4.54 -23.73
N SER C 179 -12.21 4.55 -23.52
CA SER C 179 -13.11 5.58 -24.09
C SER C 179 -12.73 6.95 -23.53
N ALA C 180 -12.36 7.04 -22.24
CA ALA C 180 -11.91 8.30 -21.62
C ALA C 180 -10.61 8.73 -22.30
N ALA C 181 -9.67 7.82 -22.48
CA ALA C 181 -8.36 8.15 -23.09
C ALA C 181 -8.58 8.68 -24.52
N LEU C 182 -9.59 8.17 -25.22
CA LEU C 182 -9.90 8.53 -26.63
C LEU C 182 -10.73 9.83 -26.70
N GLY C 183 -11.10 10.43 -25.57
CA GLY C 183 -11.86 11.68 -25.54
C GLY C 183 -13.35 11.44 -25.66
N TYR C 184 -13.78 10.21 -25.38
CA TYR C 184 -15.21 9.80 -25.33
C TYR C 184 -15.53 9.28 -23.92
N ARG C 185 -15.12 10.00 -22.88
CA ARG C 185 -15.37 9.59 -21.49
C ARG C 185 -16.87 9.39 -21.26
N GLY C 186 -17.26 8.24 -20.71
CA GLY C 186 -18.66 7.89 -20.44
C GLY C 186 -19.43 7.44 -21.69
N ASN C 187 -18.76 7.31 -22.84
CA ASN C 187 -19.43 6.97 -24.12
C ASN C 187 -18.64 5.91 -24.89
N PRO C 188 -18.29 4.76 -24.25
CA PRO C 188 -17.60 3.68 -24.94
C PRO C 188 -18.40 3.07 -26.09
N GLY C 189 -19.73 3.22 -26.06
CA GLY C 189 -20.64 2.66 -27.07
C GLY C 189 -20.52 3.38 -28.42
N HIS C 190 -19.87 4.54 -28.50
CA HIS C 190 -19.64 5.25 -29.80
C HIS C 190 -18.85 4.35 -30.76
N GLU C 191 -19.23 4.41 -32.04
CA GLU C 191 -18.62 3.63 -33.14
C GLU C 191 -17.09 3.83 -33.17
N PHE C 192 -16.60 5.05 -32.99
CA PHE C 192 -15.15 5.36 -32.99
C PHE C 192 -14.44 4.44 -31.98
N VAL C 193 -15.01 4.32 -30.78
CA VAL C 193 -14.42 3.47 -29.72
C VAL C 193 -14.63 2.00 -30.07
N GLN C 194 -15.84 1.61 -30.46
CA GLN C 194 -16.16 0.19 -30.70
C GLN C 194 -15.35 -0.34 -31.88
N ASN C 195 -15.11 0.47 -32.92
CA ASN C 195 -14.31 -0.03 -34.07
C ASN C 195 -12.89 -0.34 -33.58
N ILE C 196 -12.35 0.50 -32.69
CA ILE C 196 -10.99 0.26 -32.11
C ILE C 196 -11.02 -1.02 -31.25
N ILE C 197 -12.03 -1.22 -30.43
CA ILE C 197 -12.16 -2.42 -29.55
C ILE C 197 -12.20 -3.69 -30.41
N VAL C 198 -13.02 -3.70 -31.47
CA VAL C 198 -13.15 -4.91 -32.36
C VAL C 198 -11.81 -5.19 -33.03
N GLN C 199 -11.17 -4.17 -33.61
CA GLN C 199 -9.85 -4.31 -34.30
C GLN C 199 -8.86 -4.90 -33.29
N THR C 200 -8.87 -4.39 -32.04
CA THR C 200 -7.92 -4.79 -30.97
C THR C 200 -8.17 -6.25 -30.58
N ILE C 201 -9.42 -6.67 -30.41
CA ILE C 201 -9.74 -8.09 -30.12
C ILE C 201 -9.16 -8.96 -31.27
N GLN C 202 -9.43 -8.58 -32.52
CA GLN C 202 -8.96 -9.35 -33.70
C GLN C 202 -7.44 -9.50 -33.67
N LYS C 203 -6.71 -8.42 -33.38
CA LYS C 203 -5.23 -8.46 -33.36
C LYS C 203 -4.76 -9.33 -32.20
N ILE C 204 -5.40 -9.22 -31.03
CA ILE C 204 -5.02 -10.06 -29.86
C ILE C 204 -5.12 -11.53 -30.28
N ARG C 205 -6.24 -11.95 -30.84
CA ARG C 205 -6.45 -13.37 -31.15
C ARG C 205 -5.52 -13.80 -32.30
N ALA C 206 -5.24 -12.92 -33.28
CA ALA C 206 -4.36 -13.23 -34.43
C ALA C 206 -2.95 -13.52 -33.91
N ALA C 207 -2.56 -12.90 -32.81
CA ALA C 207 -1.21 -13.10 -32.22
C ALA C 207 -1.20 -14.34 -31.32
N GLY C 208 -2.30 -15.08 -31.22
CA GLY C 208 -2.37 -16.32 -30.43
C GLY C 208 -2.50 -16.08 -28.93
N LYS C 209 -2.91 -14.88 -28.50
CA LYS C 209 -3.18 -14.60 -27.08
C LYS C 209 -4.69 -14.65 -26.86
N ALA C 210 -5.10 -14.86 -25.62
CA ALA C 210 -6.52 -14.74 -25.23
C ALA C 210 -6.91 -13.26 -25.18
N ALA C 211 -8.10 -12.93 -25.66
CA ALA C 211 -8.68 -11.58 -25.58
C ALA C 211 -9.73 -11.58 -24.47
N GLY C 212 -9.85 -10.46 -23.77
CA GLY C 212 -10.85 -10.30 -22.72
C GLY C 212 -11.43 -8.92 -22.71
N ILE C 213 -12.56 -8.77 -22.04
CA ILE C 213 -13.25 -7.45 -21.94
C ILE C 213 -14.34 -7.59 -20.88
N LEU C 214 -14.77 -6.46 -20.37
CA LEU C 214 -15.99 -6.31 -19.55
C LEU C 214 -16.98 -5.43 -20.31
N SER C 215 -18.24 -5.88 -20.37
CA SER C 215 -19.37 -5.03 -20.75
C SER C 215 -20.62 -5.52 -20.04
N ALA C 216 -21.26 -4.60 -19.34
CA ALA C 216 -22.59 -4.80 -18.73
C ALA C 216 -23.68 -4.63 -19.79
N ASP C 217 -23.32 -4.32 -21.03
CA ASP C 217 -24.31 -4.20 -22.14
C ASP C 217 -24.44 -5.58 -22.78
N GLU C 218 -25.61 -6.20 -22.69
CA GLU C 218 -25.79 -7.61 -23.12
C GLU C 218 -25.48 -7.73 -24.62
N LYS C 219 -25.95 -6.79 -25.42
CA LYS C 219 -25.72 -6.83 -26.89
C LYS C 219 -24.20 -6.77 -27.17
N LEU C 220 -23.47 -5.85 -26.54
CA LEU C 220 -22.01 -5.73 -26.82
C LEU C 220 -21.31 -7.00 -26.32
N ALA C 221 -21.64 -7.47 -25.12
CA ALA C 221 -21.03 -8.71 -24.57
C ALA C 221 -21.27 -9.87 -25.54
N LYS C 222 -22.50 -10.05 -26.01
CA LYS C 222 -22.77 -11.12 -27.00
C LYS C 222 -21.98 -10.91 -28.30
N GLN C 223 -21.82 -9.67 -28.76
CA GLN C 223 -21.01 -9.37 -29.99
C GLN C 223 -19.58 -9.79 -29.73
N TYR C 224 -19.04 -9.48 -28.55
CA TYR C 224 -17.62 -9.80 -28.24
C TYR C 224 -17.49 -11.32 -28.20
N LEU C 225 -18.48 -12.02 -27.65
CA LEU C 225 -18.45 -13.51 -27.62
C LEU C 225 -18.52 -14.04 -29.05
N GLU C 226 -19.31 -13.44 -29.93
CA GLU C 226 -19.41 -13.90 -31.35
C GLU C 226 -18.05 -13.78 -32.03
N LEU C 227 -17.25 -12.79 -31.63
CA LEU C 227 -15.94 -12.50 -32.25
C LEU C 227 -14.90 -13.48 -31.72
N GLY C 228 -15.22 -14.34 -30.75
CA GLY C 228 -14.28 -15.36 -30.24
C GLY C 228 -13.62 -14.96 -28.93
N THR C 229 -13.97 -13.81 -28.37
CA THR C 229 -13.29 -13.27 -27.17
C THR C 229 -13.30 -14.34 -26.06
N GLU C 230 -12.14 -14.66 -25.51
CA GLU C 230 -11.97 -15.85 -24.65
C GLU C 230 -12.49 -15.62 -23.23
N PHE C 231 -12.36 -14.41 -22.67
CA PHE C 231 -12.81 -14.16 -21.27
C PHE C 231 -13.58 -12.85 -21.22
N VAL C 232 -14.90 -12.98 -21.03
CA VAL C 232 -15.84 -11.85 -21.10
C VAL C 232 -16.54 -11.73 -19.75
N ALA C 233 -16.35 -10.59 -19.08
CA ALA C 233 -17.08 -10.24 -17.85
C ALA C 233 -18.35 -9.53 -18.29
N VAL C 234 -19.50 -9.93 -17.74
CA VAL C 234 -20.81 -9.54 -18.30
C VAL C 234 -21.57 -8.67 -17.31
N GLY C 235 -21.00 -8.43 -16.13
CA GLY C 235 -21.60 -7.52 -15.15
C GLY C 235 -20.74 -7.31 -13.92
N VAL C 236 -21.27 -6.53 -13.01
CA VAL C 236 -20.55 -6.01 -11.82
C VAL C 236 -21.52 -6.14 -10.65
N ASP C 237 -21.07 -6.73 -9.54
CA ASP C 237 -21.93 -6.97 -8.36
C ASP C 237 -22.51 -5.63 -7.85
N THR C 238 -21.71 -4.57 -7.66
CA THR C 238 -22.24 -3.30 -7.12
C THR C 238 -23.37 -2.80 -8.02
N SER C 239 -23.15 -2.82 -9.33
CA SER C 239 -24.14 -2.37 -10.34
C SER C 239 -25.43 -3.20 -10.24
N LEU C 240 -25.30 -4.53 -10.19
CA LEU C 240 -26.49 -5.42 -10.15
C LEU C 240 -27.27 -5.21 -8.86
N LEU C 241 -26.56 -5.04 -7.73
CA LEU C 241 -27.22 -4.79 -6.43
C LEU C 241 -28.01 -3.48 -6.52
N MET C 242 -27.39 -2.39 -6.97
CA MET C 242 -28.04 -1.06 -7.05
C MET C 242 -29.24 -1.18 -8.03
N LYS C 243 -29.03 -1.70 -9.23
CA LYS C 243 -30.11 -1.71 -10.27
C LYS C 243 -31.28 -2.58 -9.78
N SER C 244 -31.01 -3.74 -9.20
CA SER C 244 -32.08 -4.67 -8.75
C SER C 244 -32.91 -3.98 -7.67
N MET C 245 -32.28 -3.22 -6.77
CA MET C 245 -33.00 -2.54 -5.66
C MET C 245 -33.78 -1.36 -6.24
N LYS C 246 -33.25 -0.69 -7.25
CA LYS C 246 -33.95 0.49 -7.84
C LYS C 246 -35.17 0.02 -8.65
N GLN C 247 -35.00 -1.01 -9.46
CA GLN C 247 -36.09 -1.59 -10.29
C GLN C 247 -37.25 -2.05 -9.39
N LEU C 248 -36.96 -2.71 -8.27
CA LEU C 248 -37.99 -3.14 -7.31
C LEU C 248 -38.71 -1.94 -6.72
N LEU C 249 -37.99 -0.90 -6.27
CA LEU C 249 -38.65 0.24 -5.63
C LEU C 249 -39.58 0.91 -6.65
N SER C 250 -39.17 0.98 -7.92
CA SER C 250 -39.94 1.66 -8.97
C SER C 250 -41.32 1.02 -9.16
N LYS C 251 -41.49 -0.25 -8.79
CA LYS C 251 -42.80 -0.96 -8.88
C LYS C 251 -43.78 -0.45 -7.82
N PHE C 252 -43.30 0.20 -6.77
CA PHE C 252 -44.12 0.70 -5.64
C PHE C 252 -44.04 2.21 -5.46
N LYS C 253 -43.08 2.89 -6.13
CA LYS C 253 -42.52 4.25 -5.85
C LYS C 253 -42.80 4.62 -4.40
C PYR D . 3.53 19.01 9.49
O PYR D . 4.58 18.55 8.98
OXT PYR D . 3.59 19.88 10.42
CA PYR D . 2.36 18.60 8.95
O3 PYR D . 2.39 17.85 7.95
CB PYR D . 1.05 19.19 9.34
CO CO E . 4.29 17.11 7.45
CA CA F . -6.53 -3.20 6.08
C PYR G . 14.42 -15.71 2.89
O PYR G . 14.84 -16.87 3.22
OXT PYR G . 14.47 -15.34 1.70
CA PYR G . 14.00 -14.82 3.82
O3 PYR G . 13.69 -13.67 3.50
CB PYR G . 14.04 -15.17 5.28
CO CO H . 13.64 -13.42 1.45
C PYR I . -12.28 -0.49 -17.69
O PYR I . -11.48 0.47 -17.77
OXT PYR I . -13.34 -0.46 -18.41
CA PYR I . -11.91 -1.57 -16.95
O3 PYR I . -10.80 -1.56 -16.41
CB PYR I . -12.70 -2.84 -16.89
CO CO J . -9.80 0.24 -16.50
#